data_7JJ8
#
_entry.id   7JJ8
#
_cell.length_a   60.372
_cell.length_b   67.956
_cell.length_c   79.622
_cell.angle_alpha   92.275
_cell.angle_beta   104.697
_cell.angle_gamma   115.959
#
_symmetry.space_group_name_H-M   'P 1'
#
loop_
_entity.id
_entity.type
_entity.pdbx_description
1 polymer 'Zinc-binding lipoprotein AdcA'
2 non-polymer 'ZINC ION'
3 water water
#
_entity_poly.entity_id   1
_entity_poly.type   'polypeptide(L)'
_entity_poly.pdbx_seq_one_letter_code
;GKLNIVTTFYPVYEFTKQVAGDTANVELLIGAGTEPHEYEPSAKAVAKIQDADTFVYENENMETWVPKLLDTLDKKKVKT
IKATGDMLLLPGGEEEEGDHDHGEEGHHHEFDPHVWLSPVRAIKLVEHIRDSLSADYPDKKETFEKNAAAYIEKLQSLDK
AYAEGLSQAKQKSFVTQHAAFNYLALDYGLKQVAISGLSPDAEPSAARLAELTEYVKKNKIAYIYFEENASQALANTLSK
EAGVKTDVLNPLESLTEEDTKAGENYISVMEKNLKALKQTTDQEGPAIEPEKAEDTKTV
;
_entity_poly.pdbx_strand_id   B,A,C,D
#
loop_
_chem_comp.id
_chem_comp.type
_chem_comp.name
_chem_comp.formula
ZN non-polymer 'ZINC ION' 'Zn 2'
#
# COMPACT_ATOMS: atom_id res chain seq x y z
N GLY A 1 -16.55 11.72 -14.71
CA GLY A 1 -17.28 11.30 -13.52
C GLY A 1 -16.86 12.04 -12.27
N LYS A 2 -16.64 11.28 -11.20
CA LYS A 2 -16.22 11.86 -9.93
C LYS A 2 -14.72 12.16 -9.95
N LEU A 3 -14.35 13.31 -9.39
CA LEU A 3 -12.94 13.65 -9.23
C LEU A 3 -12.26 12.62 -8.32
N ASN A 4 -11.01 12.34 -8.62
CA ASN A 4 -10.19 11.46 -7.78
C ASN A 4 -9.20 12.33 -7.01
N ILE A 5 -9.43 12.46 -5.70
CA ILE A 5 -8.63 13.34 -4.86
C ILE A 5 -7.91 12.50 -3.81
N VAL A 6 -6.62 12.71 -3.67
CA VAL A 6 -5.83 12.04 -2.64
C VAL A 6 -5.45 13.07 -1.60
N THR A 7 -5.76 12.77 -0.33
CA THR A 7 -5.36 13.61 0.80
C THR A 7 -4.41 12.82 1.69
N THR A 8 -3.65 13.53 2.51
CA THR A 8 -2.63 12.85 3.31
C THR A 8 -3.17 12.23 4.58
N PHE A 9 -3.49 13.03 5.60
CA PHE A 9 -3.94 12.49 6.88
C PHE A 9 -5.25 13.15 7.28
N TYR A 10 -5.80 12.71 8.43
CA TYR A 10 -7.23 12.85 8.69
C TYR A 10 -7.81 14.25 8.52
N PRO A 11 -7.27 15.32 9.14
CA PRO A 11 -7.91 16.64 8.96
C PRO A 11 -7.93 17.12 7.52
N VAL A 12 -6.85 16.86 6.78
CA VAL A 12 -6.85 17.22 5.35
C VAL A 12 -7.94 16.46 4.61
N TYR A 13 -8.08 15.18 4.93
CA TYR A 13 -9.15 14.37 4.34
C TYR A 13 -10.52 14.95 4.67
N GLU A 14 -10.75 15.22 5.97
CA GLU A 14 -12.06 15.66 6.41
C GLU A 14 -12.43 17.01 5.80
N PHE A 15 -11.52 17.98 5.86
CA PHE A 15 -11.82 19.29 5.29
C PHE A 15 -12.06 19.18 3.78
N THR A 16 -11.26 18.36 3.08
CA THR A 16 -11.44 18.23 1.64
C THR A 16 -12.76 17.56 1.29
N LYS A 17 -13.14 16.51 2.03
CA LYS A 17 -14.41 15.86 1.76
C LYS A 17 -15.57 16.78 2.07
N GLN A 18 -15.45 17.62 3.11
CA GLN A 18 -16.53 18.56 3.40
C GLN A 18 -16.72 19.54 2.25
N VAL A 19 -15.64 19.98 1.63
CA VAL A 19 -15.73 20.96 0.55
C VAL A 19 -16.18 20.27 -0.73
N ALA A 20 -15.56 19.14 -1.06
CA ALA A 20 -15.82 18.48 -2.33
C ALA A 20 -17.17 17.76 -2.34
N GLY A 21 -17.55 17.17 -1.22
CA GLY A 21 -18.82 16.47 -1.14
C GLY A 21 -18.91 15.39 -2.20
N ASP A 22 -20.05 15.34 -2.89
CA ASP A 22 -20.31 14.29 -3.86
C ASP A 22 -19.63 14.52 -5.20
N THR A 23 -18.92 15.64 -5.39
CA THR A 23 -18.20 15.79 -6.64
C THR A 23 -16.97 14.90 -6.70
N ALA A 24 -16.64 14.16 -5.64
CA ALA A 24 -15.31 13.56 -5.59
C ALA A 24 -15.30 12.30 -4.74
N ASN A 25 -14.46 11.35 -5.16
CA ASN A 25 -14.03 10.26 -4.30
C ASN A 25 -12.75 10.71 -3.62
N VAL A 26 -12.83 10.94 -2.32
CA VAL A 26 -11.72 11.47 -1.54
C VAL A 26 -11.06 10.32 -0.80
N GLU A 27 -9.80 10.06 -1.11
CA GLU A 27 -9.04 8.97 -0.52
C GLU A 27 -8.12 9.48 0.58
N LEU A 28 -8.02 8.72 1.66
CA LEU A 28 -7.15 9.06 2.79
C LEU A 28 -5.87 8.23 2.68
N LEU A 29 -4.75 8.89 2.50
CA LEU A 29 -3.50 8.17 2.29
C LEU A 29 -2.96 7.58 3.58
N ILE A 30 -2.92 8.37 4.65
CA ILE A 30 -2.33 7.96 5.92
C ILE A 30 -3.49 7.70 6.88
N GLY A 31 -3.88 6.44 7.00
CA GLY A 31 -5.12 6.07 7.65
C GLY A 31 -4.99 5.91 9.14
N ALA A 32 -5.98 5.24 9.71
CA ALA A 32 -5.98 4.99 11.15
C ALA A 32 -4.81 4.09 11.52
N GLY A 33 -4.23 4.34 12.69
CA GLY A 33 -3.14 3.55 13.22
C GLY A 33 -1.79 3.71 12.54
N THR A 34 -1.51 4.87 11.96
CA THR A 34 -0.20 5.16 11.39
C THR A 34 0.14 6.62 11.70
N GLU A 35 1.41 6.87 12.03
CA GLU A 35 1.84 8.23 12.39
C GLU A 35 2.16 9.10 11.18
N PRO A 36 1.39 10.16 10.93
CA PRO A 36 1.69 11.08 9.83
C PRO A 36 3.03 11.79 9.96
N HIS A 37 3.58 11.97 11.16
CA HIS A 37 4.88 12.61 11.28
C HIS A 37 6.00 11.76 10.68
N GLU A 38 5.86 10.43 10.68
CA GLU A 38 6.93 9.56 10.17
C GLU A 38 6.64 8.95 8.81
N TYR A 39 5.40 9.02 8.34
CA TYR A 39 5.02 8.37 7.09
C TYR A 39 5.78 8.95 5.90
N GLU A 40 6.20 8.07 4.99
CA GLU A 40 6.64 8.48 3.66
C GLU A 40 6.03 7.51 2.68
N PRO A 41 5.54 7.99 1.54
CA PRO A 41 4.84 7.13 0.60
C PRO A 41 5.80 6.23 -0.15
N SER A 42 5.33 5.01 -0.43
CA SER A 42 6.06 4.09 -1.30
C SER A 42 5.91 4.51 -2.75
N ALA A 43 6.66 3.84 -3.64
CA ALA A 43 6.59 4.18 -5.06
C ALA A 43 5.17 4.02 -5.61
N LYS A 44 4.44 2.99 -5.17
CA LYS A 44 3.08 2.80 -5.64
C LYS A 44 2.14 3.87 -5.10
N ALA A 45 2.31 4.26 -3.83
CA ALA A 45 1.54 5.39 -3.31
C ALA A 45 1.89 6.67 -4.06
N VAL A 46 3.17 6.86 -4.38
CA VAL A 46 3.56 8.04 -5.15
C VAL A 46 2.87 8.02 -6.51
N ALA A 47 2.88 6.87 -7.19
CA ALA A 47 2.20 6.76 -8.50
C ALA A 47 0.70 7.05 -8.37
N LYS A 48 0.05 6.53 -7.32
CA LYS A 48 -1.34 6.86 -7.06
C LYS A 48 -1.55 8.37 -6.96
N ILE A 49 -0.66 9.07 -6.27
CA ILE A 49 -0.77 10.52 -6.15
C ILE A 49 -0.62 11.18 -7.52
N GLN A 50 0.35 10.72 -8.32
CA GLN A 50 0.66 11.39 -9.57
C GLN A 50 -0.47 11.29 -10.58
N ASP A 51 -1.25 10.22 -10.55
CA ASP A 51 -2.36 10.04 -11.49
C ASP A 51 -3.70 10.48 -10.90
N ALA A 52 -3.71 11.04 -9.70
CA ALA A 52 -4.95 11.59 -9.17
C ALA A 52 -5.32 12.86 -9.92
N ASP A 53 -6.57 13.29 -9.76
CA ASP A 53 -6.95 14.61 -10.24
C ASP A 53 -6.38 15.70 -9.34
N THR A 54 -6.54 15.53 -8.02
CA THR A 54 -6.09 16.50 -7.03
C THR A 54 -5.41 15.77 -5.88
N PHE A 55 -4.33 16.37 -5.36
CA PHE A 55 -3.62 15.93 -4.17
C PHE A 55 -3.62 17.07 -3.18
N VAL A 56 -4.10 16.83 -1.96
CA VAL A 56 -4.10 17.84 -0.91
C VAL A 56 -3.21 17.36 0.20
N TYR A 57 -2.26 18.21 0.60
CA TYR A 57 -1.46 17.97 1.79
C TYR A 57 -1.58 19.19 2.70
N GLU A 58 -1.16 19.02 3.95
CA GLU A 58 -1.36 20.10 4.92
C GLU A 58 -0.29 21.18 4.79
N ASN A 59 0.98 20.79 4.89
CA ASN A 59 2.05 21.77 4.92
C ASN A 59 3.37 21.02 4.81
N GLU A 60 4.36 21.60 4.12
CA GLU A 60 5.64 20.92 3.96
C GLU A 60 6.35 20.68 5.29
N ASN A 61 6.02 21.46 6.32
CA ASN A 61 6.61 21.18 7.62
C ASN A 61 5.92 20.03 8.32
N MET A 62 4.83 19.52 7.77
CA MET A 62 4.22 18.35 8.37
C MET A 62 4.58 17.14 7.52
N GLU A 63 4.08 17.11 6.29
CA GLU A 63 4.45 16.05 5.34
C GLU A 63 5.77 16.48 4.67
N THR A 64 6.89 16.21 5.34
CA THR A 64 8.19 16.74 4.89
C THR A 64 8.69 16.10 3.61
N TRP A 65 8.05 15.03 3.14
CA TRP A 65 8.38 14.43 1.85
C TRP A 65 7.71 15.12 0.68
N VAL A 66 6.77 16.03 0.91
CA VAL A 66 6.02 16.60 -0.21
C VAL A 66 6.94 17.44 -1.09
N PRO A 67 7.86 18.26 -0.54
CA PRO A 67 8.73 19.05 -1.44
C PRO A 67 9.45 18.23 -2.51
N LYS A 68 10.03 17.07 -2.16
CA LYS A 68 10.65 16.22 -3.20
C LYS A 68 9.62 15.72 -4.19
N LEU A 69 8.41 15.40 -3.73
CA LEU A 69 7.39 14.92 -4.64
C LEU A 69 6.93 16.01 -5.62
N LEU A 70 6.84 17.27 -5.17
CA LEU A 70 6.33 18.34 -6.02
C LEU A 70 7.20 18.55 -7.26
N ASP A 71 8.50 18.26 -7.16
CA ASP A 71 9.40 18.48 -8.30
C ASP A 71 9.12 17.49 -9.44
N THR A 72 8.64 16.29 -9.13
CA THR A 72 8.22 15.32 -10.14
C THR A 72 6.86 15.63 -10.78
N LEU A 73 6.05 16.50 -10.17
CA LEU A 73 4.64 16.54 -10.55
C LEU A 73 4.33 17.39 -11.78
N ASP A 74 5.29 18.13 -12.34
CA ASP A 74 4.96 18.90 -13.52
C ASP A 74 4.80 18.03 -14.76
N LYS A 75 5.36 16.83 -14.77
CA LYS A 75 5.12 15.89 -15.85
C LYS A 75 4.04 14.87 -15.48
N LYS A 76 3.21 15.20 -14.48
CA LYS A 76 2.13 14.35 -14.05
C LYS A 76 0.83 15.15 -14.05
N LYS A 77 -0.31 14.45 -14.08
CA LYS A 77 -1.56 15.16 -14.28
C LYS A 77 -2.13 15.80 -13.01
N VAL A 78 -1.73 15.33 -11.83
CA VAL A 78 -2.38 15.75 -10.60
C VAL A 78 -2.09 17.23 -10.34
N LYS A 79 -3.13 17.95 -9.91
CA LYS A 79 -3.00 19.32 -9.41
C LYS A 79 -3.02 19.33 -7.88
N THR A 80 -2.09 20.06 -7.28
CA THR A 80 -1.90 19.97 -5.84
C THR A 80 -2.42 21.19 -5.10
N ILE A 81 -2.79 20.97 -3.84
CA ILE A 81 -3.28 22.01 -2.95
C ILE A 81 -2.51 21.89 -1.63
N LYS A 82 -1.92 22.98 -1.19
CA LYS A 82 -1.36 23.05 0.14
C LYS A 82 -2.42 23.67 1.04
N ALA A 83 -2.99 22.87 1.94
CA ALA A 83 -4.20 23.29 2.66
C ALA A 83 -3.97 24.60 3.41
N THR A 84 -2.76 24.81 3.95
CA THR A 84 -2.53 26.03 4.74
C THR A 84 -2.26 27.27 3.90
N GLY A 85 -2.05 27.14 2.59
CA GLY A 85 -1.84 28.32 1.75
C GLY A 85 -0.68 29.17 2.23
N ASP A 86 -0.93 30.49 2.33
CA ASP A 86 0.11 31.43 2.75
C ASP A 86 0.00 31.79 4.24
N MET A 87 -0.69 30.97 5.02
CA MET A 87 -0.75 31.19 6.46
C MET A 87 0.66 31.22 7.05
N LEU A 88 0.94 32.24 7.85
CA LEU A 88 2.21 32.34 8.57
C LEU A 88 2.23 31.39 9.75
N LEU A 89 3.39 30.78 10.00
CA LEU A 89 3.51 29.72 10.98
C LEU A 89 4.41 30.14 12.13
N LEU A 90 4.14 29.55 13.30
CA LEU A 90 5.02 29.65 14.45
C LEU A 90 6.32 28.88 14.22
N PRO A 91 7.39 29.24 14.92
CA PRO A 91 8.62 28.45 14.88
C PRO A 91 8.40 27.05 15.43
N GLY A 92 9.19 26.09 14.91
CA GLY A 92 9.09 24.73 15.37
C GLY A 92 9.75 24.53 16.73
N GLY A 93 9.44 23.39 17.35
CA GLY A 93 9.98 23.05 18.66
C GLY A 93 11.49 22.90 18.70
N GLU A 110 11.06 23.30 10.34
CA GLU A 110 11.45 24.20 11.43
C GLU A 110 10.35 25.23 11.72
N PHE A 111 9.17 25.02 11.14
CA PHE A 111 7.95 25.69 11.55
C PHE A 111 6.99 24.68 12.15
N ASP A 112 6.11 25.15 13.03
CA ASP A 112 5.11 24.30 13.66
C ASP A 112 3.92 24.12 12.73
N PRO A 113 3.62 22.91 12.28
CA PRO A 113 2.55 22.73 11.30
C PRO A 113 1.15 22.57 11.88
N HIS A 114 1.01 22.45 13.22
CA HIS A 114 -0.26 21.99 13.82
C HIS A 114 -1.40 23.03 13.88
N VAL A 115 -1.68 23.74 12.77
CA VAL A 115 -2.67 24.84 12.80
C VAL A 115 -4.12 24.36 12.96
N TRP A 116 -4.43 23.08 12.64
CA TRP A 116 -5.82 22.64 12.59
C TRP A 116 -6.41 22.39 13.97
N LEU A 117 -5.62 22.45 15.03
CA LEU A 117 -6.16 22.32 16.39
C LEU A 117 -6.77 23.63 16.90
N SER A 118 -6.69 24.70 16.11
CA SER A 118 -7.39 25.94 16.42
C SER A 118 -8.60 26.05 15.50
N PRO A 119 -9.83 26.03 16.01
CA PRO A 119 -10.99 26.07 15.10
C PRO A 119 -10.98 27.25 14.14
N VAL A 120 -10.51 28.41 14.61
CA VAL A 120 -10.53 29.58 13.73
C VAL A 120 -9.53 29.40 12.59
N ARG A 121 -8.45 28.65 12.81
CA ARG A 121 -7.56 28.37 11.69
C ARG A 121 -8.09 27.26 10.79
N ALA A 122 -8.82 26.30 11.33
CA ALA A 122 -9.44 25.29 10.48
C ALA A 122 -10.36 25.94 9.45
N ILE A 123 -11.03 27.02 9.84
CA ILE A 123 -11.90 27.74 8.89
C ILE A 123 -11.06 28.22 7.71
N LYS A 124 -9.86 28.73 8.00
CA LYS A 124 -8.99 29.24 6.94
C LYS A 124 -8.54 28.13 5.99
N LEU A 125 -8.25 26.95 6.54
CA LEU A 125 -7.88 25.81 5.70
C LEU A 125 -9.02 25.39 4.78
N VAL A 126 -10.25 25.32 5.32
CA VAL A 126 -11.43 25.01 4.51
C VAL A 126 -11.62 26.05 3.41
N GLU A 127 -11.49 27.34 3.75
CA GLU A 127 -11.64 28.40 2.76
C GLU A 127 -10.61 28.28 1.65
N HIS A 128 -9.37 27.92 2.00
CA HIS A 128 -8.33 27.80 0.98
C HIS A 128 -8.56 26.59 0.08
N ILE A 129 -9.00 25.48 0.67
CA ILE A 129 -9.29 24.30 -0.14
C ILE A 129 -10.45 24.59 -1.09
N ARG A 130 -11.48 25.28 -0.60
CA ARG A 130 -12.59 25.70 -1.45
C ARG A 130 -12.08 26.54 -2.60
N ASP A 131 -11.27 27.55 -2.31
CA ASP A 131 -10.83 28.47 -3.37
C ASP A 131 -9.88 27.79 -4.36
N SER A 132 -9.06 26.86 -3.90
CA SER A 132 -8.16 26.15 -4.80
C SER A 132 -8.94 25.19 -5.70
N LEU A 133 -9.88 24.44 -5.12
CA LEU A 133 -10.71 23.54 -5.92
C LEU A 133 -11.55 24.32 -6.91
N SER A 134 -12.05 25.49 -6.48
CA SER A 134 -12.85 26.33 -7.37
C SER A 134 -12.04 26.85 -8.55
N ALA A 135 -10.76 27.16 -8.31
CA ALA A 135 -9.93 27.63 -9.41
C ALA A 135 -9.55 26.49 -10.34
N ASP A 136 -9.46 25.27 -9.82
CA ASP A 136 -9.05 24.14 -10.64
C ASP A 136 -10.24 23.53 -11.38
N TYR A 137 -11.44 23.65 -10.84
CA TYR A 137 -12.63 23.06 -11.44
C TYR A 137 -13.76 24.09 -11.43
N PRO A 138 -13.68 25.09 -12.31
CA PRO A 138 -14.64 26.21 -12.26
C PRO A 138 -16.09 25.78 -12.37
N ASP A 139 -16.36 24.67 -13.05
CA ASP A 139 -17.73 24.21 -13.23
C ASP A 139 -18.35 23.67 -11.95
N LYS A 140 -17.56 23.44 -10.91
CA LYS A 140 -18.07 22.97 -9.63
C LYS A 140 -18.03 24.04 -8.55
N LYS A 141 -17.66 25.27 -8.91
CA LYS A 141 -17.43 26.32 -7.90
C LYS A 141 -18.64 26.49 -7.01
N GLU A 142 -19.85 26.47 -7.61
CA GLU A 142 -21.09 26.60 -6.86
C GLU A 142 -21.20 25.53 -5.78
N THR A 143 -20.85 24.29 -6.11
CA THR A 143 -20.96 23.21 -5.13
C THR A 143 -19.89 23.34 -4.06
N PHE A 144 -18.64 23.63 -4.44
CA PHE A 144 -17.58 23.82 -3.45
C PHE A 144 -17.96 24.92 -2.47
N GLU A 145 -18.51 26.03 -2.97
CA GLU A 145 -18.77 27.15 -2.09
C GLU A 145 -19.94 26.89 -1.15
N LYS A 146 -20.94 26.13 -1.61
CA LYS A 146 -22.08 25.83 -0.74
C LYS A 146 -21.72 24.75 0.28
N ASN A 147 -20.95 23.73 -0.13
CA ASN A 147 -20.46 22.75 0.83
C ASN A 147 -19.55 23.39 1.87
N ALA A 148 -18.62 24.24 1.42
CA ALA A 148 -17.71 24.86 2.37
C ALA A 148 -18.48 25.75 3.34
N ALA A 149 -19.46 26.50 2.83
CA ALA A 149 -20.20 27.43 3.68
C ALA A 149 -20.95 26.69 4.78
N ALA A 150 -21.54 25.54 4.48
CA ALA A 150 -22.26 24.79 5.50
C ALA A 150 -21.31 24.23 6.56
N TYR A 151 -20.14 23.75 6.14
CA TYR A 151 -19.18 23.25 7.13
C TYR A 151 -18.58 24.39 7.94
N ILE A 152 -18.29 25.53 7.29
CA ILE A 152 -17.74 26.68 8.00
C ILE A 152 -18.73 27.15 9.07
N GLU A 153 -20.04 27.05 8.81
CA GLU A 153 -21.02 27.34 9.84
C GLU A 153 -20.80 26.48 11.07
N LYS A 154 -20.57 25.19 10.86
CA LYS A 154 -20.29 24.29 11.98
C LYS A 154 -18.99 24.64 12.66
N LEU A 155 -17.97 25.03 11.89
CA LEU A 155 -16.70 25.39 12.52
C LEU A 155 -16.82 26.69 13.31
N GLN A 156 -17.70 27.60 12.87
CA GLN A 156 -17.91 28.83 13.63
C GLN A 156 -18.52 28.56 15.00
N SER A 157 -19.47 27.62 15.09
CA SER A 157 -20.03 27.23 16.38
C SER A 157 -18.96 26.58 17.26
N LEU A 158 -18.07 25.80 16.66
CA LEU A 158 -16.96 25.23 17.42
C LEU A 158 -16.04 26.34 17.93
N ASP A 159 -15.69 27.29 17.07
CA ASP A 159 -14.89 28.43 17.48
C ASP A 159 -15.54 29.19 18.65
N LYS A 160 -16.86 29.40 18.59
CA LYS A 160 -17.53 30.08 19.67
C LYS A 160 -17.48 29.28 20.96
N ALA A 161 -17.63 27.95 20.88
CA ALA A 161 -17.53 27.13 22.09
C ALA A 161 -16.14 27.24 22.71
N TYR A 162 -15.11 27.23 21.88
CA TYR A 162 -13.74 27.41 22.37
C TYR A 162 -13.56 28.78 23.01
N ALA A 163 -14.05 29.84 22.33
CA ALA A 163 -13.82 31.20 22.84
C ALA A 163 -14.55 31.41 24.16
N GLU A 164 -15.81 30.97 24.25
CA GLU A 164 -16.57 31.09 25.47
C GLU A 164 -15.98 30.27 26.60
N GLY A 165 -15.55 29.03 26.29
CA GLY A 165 -15.04 28.13 27.32
C GLY A 165 -13.62 28.42 27.78
N LEU A 166 -12.81 29.09 26.97
CA LEU A 166 -11.41 29.29 27.35
C LEU A 166 -11.04 30.73 27.66
N SER A 167 -11.86 31.72 27.25
CA SER A 167 -11.45 33.12 27.44
C SER A 167 -11.41 33.52 28.91
N GLN A 168 -12.19 32.86 29.77
CA GLN A 168 -12.18 33.16 31.20
C GLN A 168 -11.35 32.15 31.98
N ALA A 169 -10.40 31.48 31.32
CA ALA A 169 -9.58 30.48 32.01
C ALA A 169 -8.88 31.07 33.22
N LYS A 170 -9.03 30.39 34.36
CA LYS A 170 -8.30 30.78 35.56
C LYS A 170 -6.87 30.26 35.53
N GLN A 171 -6.65 29.12 34.89
CA GLN A 171 -5.34 28.48 34.76
C GLN A 171 -5.00 28.47 33.27
N LYS A 172 -3.97 29.22 32.88
CA LYS A 172 -3.66 29.42 31.48
C LYS A 172 -2.73 28.36 30.90
N SER A 173 -2.00 27.63 31.73
CA SER A 173 -1.01 26.67 31.25
C SER A 173 -1.56 25.26 31.33
N PHE A 174 -1.27 24.46 30.29
CA PHE A 174 -1.66 23.08 30.21
C PHE A 174 -0.49 22.25 29.67
N VAL A 175 -0.37 21.02 30.16
CA VAL A 175 0.78 20.18 29.91
C VAL A 175 0.35 19.04 28.99
N THR A 176 1.05 18.89 27.87
CA THR A 176 0.70 17.89 26.87
C THR A 176 1.94 17.05 26.51
N GLN A 177 1.70 15.77 26.21
CA GLN A 177 2.75 14.87 25.76
C GLN A 177 3.02 15.00 24.26
N HIS A 178 2.07 15.50 23.47
CA HIS A 178 2.27 15.80 22.05
C HIS A 178 2.04 17.30 21.83
N ALA A 179 3.08 18.00 21.37
CA ALA A 179 3.07 19.47 21.30
C ALA A 179 2.34 19.97 20.06
N ALA A 180 1.07 19.61 19.97
CA ALA A 180 0.25 19.95 18.81
C ALA A 180 -0.65 21.15 19.06
N PHE A 181 -0.49 21.82 20.20
CA PHE A 181 -1.50 22.77 20.64
C PHE A 181 -0.98 24.18 20.79
N ASN A 182 0.11 24.52 20.08
CA ASN A 182 0.63 25.88 20.17
C ASN A 182 -0.28 26.89 19.48
N TYR A 183 -1.01 26.50 18.43
CA TYR A 183 -1.92 27.44 17.78
C TYR A 183 -3.22 27.57 18.56
N LEU A 184 -3.69 26.46 19.13
CA LEU A 184 -4.79 26.56 20.09
C LEU A 184 -4.43 27.55 21.19
N ALA A 185 -3.23 27.41 21.75
CA ALA A 185 -2.76 28.29 22.82
C ALA A 185 -2.66 29.75 22.36
N LEU A 186 -2.05 29.97 21.19
CA LEU A 186 -1.89 31.32 20.66
C LEU A 186 -3.25 31.97 20.43
N ASP A 187 -4.15 31.28 19.73
CA ASP A 187 -5.40 31.85 19.27
C ASP A 187 -6.42 32.02 20.41
N TYR A 188 -6.32 31.21 21.48
CA TYR A 188 -7.27 31.32 22.59
C TYR A 188 -6.66 31.76 23.90
N GLY A 189 -5.41 32.24 23.88
CA GLY A 189 -4.86 32.90 25.04
C GLY A 189 -4.37 32.00 26.14
N LEU A 190 -3.85 30.82 25.79
CA LEU A 190 -3.33 29.85 26.75
C LEU A 190 -1.83 29.66 26.50
N LYS A 191 -1.22 28.78 27.31
CA LYS A 191 0.19 28.42 27.19
C LYS A 191 0.33 26.90 27.19
N GLN A 192 0.80 26.35 26.07
CA GLN A 192 1.11 24.93 26.00
C GLN A 192 2.49 24.68 26.60
N VAL A 193 2.56 23.71 27.52
CA VAL A 193 3.82 23.22 28.05
C VAL A 193 3.95 21.79 27.54
N ALA A 194 4.96 21.54 26.71
CA ALA A 194 5.17 20.22 26.12
C ALA A 194 6.11 19.39 26.98
N ILE A 195 5.81 18.10 27.09
CA ILE A 195 6.68 17.23 27.85
C ILE A 195 7.07 16.06 26.96
N SER A 196 8.37 15.81 26.86
CA SER A 196 8.86 14.70 26.06
C SER A 196 9.31 13.58 27.00
N GLY A 197 9.54 12.41 26.42
CA GLY A 197 9.92 11.27 27.23
C GLY A 197 8.77 10.59 27.93
N LEU A 198 7.53 10.95 27.60
CA LEU A 198 6.35 10.21 27.98
C LEU A 198 5.61 9.78 26.74
N SER A 199 5.12 8.56 26.77
CA SER A 199 4.27 7.96 25.79
C SER A 199 3.02 7.48 26.52
N PRO A 200 1.86 7.41 25.86
CA PRO A 200 0.67 6.93 26.57
C PRO A 200 0.85 5.54 27.16
N ASP A 201 1.86 4.80 26.69
CA ASP A 201 2.09 3.39 27.01
C ASP A 201 3.30 3.19 27.90
N ALA A 202 4.03 4.24 28.24
CA ALA A 202 5.31 4.04 28.87
C ALA A 202 5.17 3.67 30.34
N GLU A 203 6.19 2.99 30.85
CA GLU A 203 6.37 2.86 32.29
C GLU A 203 7.65 3.59 32.64
N PRO A 204 7.59 4.85 33.04
CA PRO A 204 8.82 5.62 33.22
C PRO A 204 9.65 5.02 34.34
N SER A 205 10.95 5.24 34.24
CA SER A 205 11.87 4.83 35.29
C SER A 205 11.61 5.60 36.58
N ALA A 206 12.15 5.07 37.68
CA ALA A 206 12.08 5.79 38.95
C ALA A 206 12.67 7.20 38.82
N ALA A 207 13.80 7.32 38.11
CA ALA A 207 14.41 8.65 37.95
C ALA A 207 13.53 9.56 37.10
N ARG A 208 12.94 9.03 36.03
CA ARG A 208 12.03 9.84 35.22
C ARG A 208 10.79 10.23 36.00
N LEU A 209 10.26 9.29 36.79
CA LEU A 209 9.08 9.56 37.61
C LEU A 209 9.36 10.68 38.61
N ALA A 210 10.56 10.71 39.20
CA ALA A 210 10.91 11.75 40.16
C ALA A 210 11.01 13.14 39.51
N GLU A 211 11.55 13.22 38.29
CA GLU A 211 11.53 14.47 37.53
C GLU A 211 10.11 14.97 37.31
N LEU A 212 9.20 14.08 36.93
CA LEU A 212 7.82 14.49 36.70
C LEU A 212 7.16 14.95 37.99
N THR A 213 7.40 14.21 39.07
CA THR A 213 6.78 14.53 40.35
C THR A 213 7.22 15.91 40.84
N GLU A 214 8.51 16.21 40.72
CA GLU A 214 9.01 17.52 41.12
C GLU A 214 8.40 18.61 40.27
N TYR A 215 8.34 18.40 38.94
CA TYR A 215 7.71 19.39 38.07
C TYR A 215 6.25 19.60 38.42
N VAL A 216 5.50 18.50 38.56
CA VAL A 216 4.07 18.56 38.87
C VAL A 216 3.83 19.32 40.16
N LYS A 217 4.63 19.03 41.18
CA LYS A 217 4.42 19.66 42.47
C LYS A 217 4.77 21.14 42.44
N LYS A 218 5.95 21.47 41.91
CA LYS A 218 6.40 22.85 41.95
C LYS A 218 5.63 23.75 41.00
N ASN A 219 4.86 23.20 40.07
CA ASN A 219 4.03 24.02 39.19
C ASN A 219 2.54 23.81 39.39
N LYS A 220 2.13 22.99 40.36
CA LYS A 220 0.71 22.75 40.65
C LYS A 220 -0.03 22.21 39.42
N ILE A 221 0.58 21.26 38.73
CA ILE A 221 -0.04 20.68 37.55
C ILE A 221 -1.13 19.71 37.99
N ALA A 222 -2.33 19.87 37.43
CA ALA A 222 -3.44 18.96 37.75
C ALA A 222 -3.56 17.80 36.78
N TYR A 223 -3.24 18.00 35.50
CA TYR A 223 -3.43 16.99 34.48
C TYR A 223 -2.21 16.96 33.58
N ILE A 224 -1.89 15.77 33.09
CA ILE A 224 -1.04 15.61 31.92
C ILE A 224 -1.91 15.07 30.81
N TYR A 225 -1.88 15.72 29.67
CA TYR A 225 -2.69 15.29 28.54
C TYR A 225 -1.86 14.46 27.57
N PHE A 226 -2.45 13.38 27.06
CA PHE A 226 -1.82 12.47 26.13
C PHE A 226 -2.57 12.48 24.81
N GLU A 227 -1.88 12.12 23.74
CA GLU A 227 -2.55 12.11 22.43
C GLU A 227 -3.56 10.99 22.32
N GLU A 228 -3.46 9.96 23.16
CA GLU A 228 -4.50 8.94 23.31
C GLU A 228 -4.51 8.50 24.76
N ASN A 229 -5.52 7.75 25.16
CA ASN A 229 -5.65 7.33 26.55
C ASN A 229 -4.37 6.69 27.07
N ALA A 230 -3.89 7.20 28.20
CA ALA A 230 -2.77 6.54 28.87
C ALA A 230 -3.18 5.13 29.25
N SER A 231 -2.20 4.24 29.27
CA SER A 231 -2.48 2.89 29.73
C SER A 231 -2.89 2.93 31.20
N GLN A 232 -3.66 1.93 31.63
CA GLN A 232 -4.10 1.93 33.02
C GLN A 232 -2.91 1.87 33.96
N ALA A 233 -1.83 1.19 33.55
CA ALA A 233 -0.61 1.17 34.37
C ALA A 233 -0.01 2.57 34.50
N LEU A 234 0.10 3.30 33.38
CA LEU A 234 0.70 4.63 33.45
C LEU A 234 -0.16 5.59 34.25
N ALA A 235 -1.48 5.56 34.05
CA ALA A 235 -2.37 6.45 34.78
C ALA A 235 -2.32 6.19 36.28
N ASN A 236 -2.30 4.93 36.70
CA ASN A 236 -2.21 4.62 38.12
C ASN A 236 -0.91 5.11 38.73
N THR A 237 0.20 4.88 38.03
CA THR A 237 1.50 5.34 38.50
C THR A 237 1.56 6.87 38.61
N LEU A 238 1.03 7.60 37.62
CA LEU A 238 1.07 9.06 37.69
C LEU A 238 0.23 9.58 38.86
N SER A 239 -0.92 8.95 39.12
CA SER A 239 -1.76 9.34 40.25
C SER A 239 -1.07 9.04 41.59
N LYS A 240 -0.53 7.83 41.73
CA LYS A 240 0.01 7.40 43.01
C LYS A 240 1.37 8.03 43.30
N GLU A 241 2.25 8.12 42.31
CA GLU A 241 3.58 8.65 42.54
C GLU A 241 3.69 10.15 42.28
N ALA A 242 3.08 10.66 41.22
CA ALA A 242 3.24 12.05 40.86
C ALA A 242 2.09 12.95 41.33
N GLY A 243 0.99 12.36 41.79
CA GLY A 243 -0.18 13.13 42.20
C GLY A 243 -0.81 13.94 41.08
N VAL A 244 -0.92 13.37 39.88
CA VAL A 244 -1.45 14.10 38.72
C VAL A 244 -2.43 13.18 38.00
N LYS A 245 -3.50 13.75 37.46
CA LYS A 245 -4.45 12.96 36.67
C LYS A 245 -4.08 12.99 35.19
N THR A 246 -4.70 12.10 34.42
CA THR A 246 -4.43 12.09 32.99
C THR A 246 -5.73 12.22 32.20
N ASP A 247 -5.61 12.77 30.99
CA ASP A 247 -6.71 12.82 30.06
C ASP A 247 -6.14 12.94 28.66
N VAL A 248 -7.00 13.17 27.68
CA VAL A 248 -6.63 13.10 26.28
C VAL A 248 -6.83 14.46 25.63
N LEU A 249 -5.77 14.95 24.99
CA LEU A 249 -5.88 16.04 24.01
C LEU A 249 -5.44 15.42 22.68
N ASN A 250 -6.40 15.12 21.85
CA ASN A 250 -6.16 14.38 20.60
C ASN A 250 -5.68 15.36 19.52
N PRO A 251 -4.46 15.19 18.98
CA PRO A 251 -3.98 16.10 17.92
C PRO A 251 -4.64 15.89 16.57
N LEU A 252 -5.55 14.92 16.48
CA LEU A 252 -6.33 14.66 15.27
C LEU A 252 -5.42 14.37 14.09
N GLU A 253 -4.35 13.63 14.34
CA GLU A 253 -3.47 13.22 13.26
C GLU A 253 -3.84 11.86 12.69
N SER A 254 -4.41 10.97 13.48
CA SER A 254 -5.08 9.80 12.92
C SER A 254 -6.06 9.28 13.93
N LEU A 255 -7.29 9.05 13.49
CA LEU A 255 -8.29 8.48 14.38
C LEU A 255 -7.93 7.04 14.68
N THR A 256 -8.20 6.61 15.91
CA THR A 256 -8.09 5.20 16.19
C THR A 256 -9.14 4.46 15.38
N GLU A 257 -8.91 3.17 15.14
CA GLU A 257 -9.96 2.40 14.48
C GLU A 257 -11.21 2.36 15.35
N GLU A 258 -11.04 2.33 16.67
CA GLU A 258 -12.15 2.53 17.60
C GLU A 258 -12.92 3.82 17.29
N ASP A 259 -12.22 4.95 17.22
CA ASP A 259 -12.92 6.21 16.97
C ASP A 259 -13.58 6.21 15.60
N THR A 260 -12.92 5.61 14.62
CA THR A 260 -13.48 5.53 13.27
C THR A 260 -14.77 4.71 13.27
N LYS A 261 -14.80 3.62 14.04
CA LYS A 261 -16.03 2.84 14.24
C LYS A 261 -17.16 3.74 14.75
N ALA A 262 -16.90 4.43 15.86
CA ALA A 262 -17.91 5.21 16.59
C ALA A 262 -18.39 6.46 15.85
N GLY A 263 -17.85 6.76 14.67
CA GLY A 263 -18.30 7.91 13.91
C GLY A 263 -17.76 9.25 14.39
N GLU A 264 -16.64 9.25 15.11
CA GLU A 264 -16.00 10.51 15.49
C GLU A 264 -15.46 11.23 14.26
N ASN A 265 -15.50 12.56 14.30
CA ASN A 265 -14.97 13.38 13.22
C ASN A 265 -14.26 14.58 13.83
N TYR A 266 -13.75 15.46 12.96
CA TYR A 266 -12.98 16.60 13.45
C TYR A 266 -13.72 17.35 14.55
N ILE A 267 -14.99 17.67 14.33
CA ILE A 267 -15.70 18.51 15.29
C ILE A 267 -15.97 17.76 16.59
N SER A 268 -16.39 16.49 16.52
CA SER A 268 -16.68 15.81 17.78
C SER A 268 -15.41 15.62 18.63
N VAL A 269 -14.29 15.31 18.00
CA VAL A 269 -13.03 15.17 18.74
C VAL A 269 -12.58 16.52 19.30
N MET A 270 -12.74 17.59 18.51
CA MET A 270 -12.44 18.93 19.03
C MET A 270 -13.34 19.29 20.20
N GLU A 271 -14.59 18.84 20.21
CA GLU A 271 -15.43 19.12 21.37
C GLU A 271 -14.95 18.32 22.58
N LYS A 272 -14.52 17.08 22.37
CA LYS A 272 -13.94 16.31 23.46
C LYS A 272 -12.67 16.94 23.99
N ASN A 273 -11.82 17.47 23.10
CA ASN A 273 -10.60 18.17 23.52
C ASN A 273 -10.93 19.37 24.41
N LEU A 274 -11.93 20.16 24.03
CA LEU A 274 -12.31 21.33 24.81
C LEU A 274 -12.72 20.93 26.22
N LYS A 275 -13.52 19.88 26.32
CA LYS A 275 -13.99 19.41 27.62
C LYS A 275 -12.83 18.94 28.49
N ALA A 276 -11.89 18.21 27.88
CA ALA A 276 -10.71 17.77 28.63
C ALA A 276 -9.85 18.95 29.06
N LEU A 277 -9.64 19.90 28.16
CA LEU A 277 -8.80 21.04 28.48
C LEU A 277 -9.39 21.88 29.61
N LYS A 278 -10.71 22.04 29.65
CA LYS A 278 -11.35 22.86 30.66
C LYS A 278 -11.21 22.28 32.07
N GLN A 279 -11.01 20.97 32.20
CA GLN A 279 -10.68 20.40 33.51
C GLN A 279 -9.44 21.06 34.10
N THR A 280 -8.50 21.51 33.26
CA THR A 280 -7.36 22.28 33.75
C THR A 280 -7.67 23.77 33.80
N THR A 281 -8.14 24.34 32.69
CA THR A 281 -8.17 25.80 32.57
C THR A 281 -9.23 26.44 33.49
N ASP A 282 -10.28 25.72 33.84
CA ASP A 282 -11.29 26.26 34.76
C ASP A 282 -10.89 26.17 36.23
N GLN A 283 -9.70 25.65 36.55
CA GLN A 283 -9.27 25.43 37.94
C GLN A 283 -10.26 24.53 38.70
N GLY B 1 6.05 -4.84 35.65
CA GLY B 1 5.74 -3.79 34.69
C GLY B 1 5.60 -4.30 33.27
N LYS B 2 6.24 -3.63 32.32
CA LYS B 2 6.17 -4.05 30.94
C LYS B 2 7.10 -5.21 30.66
N LEU B 3 6.59 -6.20 29.93
CA LEU B 3 7.43 -7.30 29.47
C LEU B 3 8.42 -6.81 28.41
N ASN B 4 9.61 -7.39 28.43
CA ASN B 4 10.60 -7.15 27.39
C ASN B 4 10.65 -8.43 26.54
N ILE B 5 10.11 -8.36 25.33
CA ILE B 5 9.97 -9.51 24.43
C ILE B 5 10.82 -9.30 23.19
N VAL B 6 11.57 -10.33 22.78
CA VAL B 6 12.38 -10.33 21.56
C VAL B 6 11.77 -11.29 20.56
N THR B 7 11.52 -10.80 19.34
CA THR B 7 11.03 -11.63 18.25
C THR B 7 12.08 -11.66 17.14
N THR B 8 11.98 -12.69 16.28
CA THR B 8 12.99 -12.90 15.25
C THR B 8 12.73 -12.03 14.02
N PHE B 9 11.73 -12.38 13.19
CA PHE B 9 11.50 -11.61 11.96
C PHE B 9 10.02 -11.19 11.88
N TYR B 10 9.68 -10.45 10.81
CA TYR B 10 8.50 -9.58 10.84
C TYR B 10 7.18 -10.24 11.28
N PRO B 11 6.72 -11.35 10.69
CA PRO B 11 5.39 -11.88 11.11
C PRO B 11 5.35 -12.24 12.59
N VAL B 12 6.45 -12.79 13.10
CA VAL B 12 6.57 -13.11 14.51
C VAL B 12 6.48 -11.84 15.35
N TYR B 13 7.15 -10.79 14.89
CA TYR B 13 7.10 -9.51 15.57
C TYR B 13 5.68 -8.95 15.61
N GLU B 14 5.02 -8.92 14.45
CA GLU B 14 3.70 -8.32 14.33
C GLU B 14 2.67 -9.09 15.14
N PHE B 15 2.63 -10.42 14.99
CA PHE B 15 1.68 -11.24 15.73
C PHE B 15 1.89 -11.12 17.24
N THR B 16 3.15 -11.06 17.67
CA THR B 16 3.40 -10.95 19.11
C THR B 16 2.96 -9.60 19.64
N LYS B 17 3.27 -8.53 18.89
CA LYS B 17 2.87 -7.20 19.32
C LYS B 17 1.35 -7.04 19.29
N GLN B 18 0.68 -7.66 18.33
CA GLN B 18 -0.78 -7.58 18.32
C GLN B 18 -1.36 -8.22 19.58
N VAL B 19 -0.74 -9.29 20.07
CA VAL B 19 -1.27 -9.98 21.24
C VAL B 19 -0.88 -9.27 22.53
N ALA B 20 0.40 -8.90 22.66
CA ALA B 20 0.88 -8.28 23.90
C ALA B 20 0.40 -6.84 24.04
N GLY B 21 0.34 -6.10 22.94
CA GLY B 21 -0.11 -4.72 23.00
C GLY B 21 0.73 -3.90 23.96
N ASP B 22 0.07 -3.13 24.83
CA ASP B 22 0.80 -2.23 25.71
C ASP B 22 1.40 -2.94 26.92
N THR B 23 1.19 -4.26 27.05
CA THR B 23 1.84 -5.01 28.13
C THR B 23 3.32 -5.26 27.88
N ALA B 24 3.89 -4.84 26.75
CA ALA B 24 5.22 -5.29 26.41
C ALA B 24 5.92 -4.33 25.46
N ASN B 25 7.24 -4.26 25.59
CA ASN B 25 8.11 -3.72 24.55
C ASN B 25 8.56 -4.90 23.69
N VAL B 26 8.08 -4.95 22.46
CA VAL B 26 8.37 -6.06 21.55
C VAL B 26 9.43 -5.58 20.56
N GLU B 27 10.57 -6.25 20.55
CA GLU B 27 11.67 -5.87 19.67
C GLU B 27 11.76 -6.82 18.48
N LEU B 28 12.08 -6.27 17.32
CA LEU B 28 12.26 -7.03 16.08
C LEU B 28 13.77 -7.21 15.88
N LEU B 29 14.23 -8.45 15.94
CA LEU B 29 15.66 -8.72 15.86
C LEU B 29 16.19 -8.63 14.42
N ILE B 30 15.48 -9.22 13.47
CA ILE B 30 15.90 -9.30 12.07
C ILE B 30 15.06 -8.28 11.31
N GLY B 31 15.64 -7.10 11.05
CA GLY B 31 14.90 -5.94 10.63
C GLY B 31 14.66 -5.81 9.12
N ALA B 32 14.32 -4.58 8.72
CA ALA B 32 14.08 -4.27 7.32
C ALA B 32 15.37 -4.42 6.50
N GLY B 33 15.23 -4.88 5.26
CA GLY B 33 16.39 -5.04 4.39
C GLY B 33 17.35 -6.14 4.79
N THR B 34 16.85 -7.24 5.36
CA THR B 34 17.67 -8.36 5.79
C THR B 34 17.01 -9.68 5.39
N GLU B 35 17.82 -10.67 5.03
CA GLU B 35 17.29 -12.00 4.76
C GLU B 35 17.21 -12.83 6.04
N PRO B 36 16.02 -13.18 6.52
CA PRO B 36 15.92 -14.10 7.67
C PRO B 36 16.46 -15.52 7.44
N HIS B 37 16.43 -16.06 6.21
CA HIS B 37 16.94 -17.41 5.94
C HIS B 37 18.44 -17.53 6.18
N GLU B 38 19.17 -16.42 6.02
CA GLU B 38 20.62 -16.40 6.14
C GLU B 38 21.10 -15.80 7.45
N TYR B 39 20.19 -15.20 8.21
CA TYR B 39 20.59 -14.48 9.41
C TYR B 39 21.28 -15.41 10.39
N GLU B 40 22.31 -14.88 11.05
CA GLU B 40 22.92 -15.52 12.20
C GLU B 40 23.06 -14.43 13.28
N PRO B 41 22.68 -14.72 14.52
CA PRO B 41 22.69 -13.67 15.53
C PRO B 41 24.12 -13.29 15.91
N SER B 42 24.34 -12.00 16.07
CA SER B 42 25.61 -11.50 16.58
C SER B 42 25.66 -11.67 18.09
N ALA B 43 26.82 -11.37 18.66
CA ALA B 43 26.95 -11.40 20.12
C ALA B 43 25.97 -10.42 20.76
N LYS B 44 25.80 -9.24 20.15
CA LYS B 44 24.79 -8.29 20.60
C LYS B 44 23.39 -8.89 20.52
N ALA B 45 23.10 -9.63 19.45
CA ALA B 45 21.77 -10.23 19.31
C ALA B 45 21.52 -11.32 20.35
N VAL B 46 22.53 -12.18 20.58
CA VAL B 46 22.39 -13.26 21.56
C VAL B 46 22.17 -12.70 22.95
N ALA B 47 22.98 -11.72 23.36
CA ALA B 47 22.83 -11.12 24.68
C ALA B 47 21.45 -10.50 24.85
N LYS B 48 20.97 -9.83 23.81
CA LYS B 48 19.61 -9.29 23.82
C LYS B 48 18.57 -10.39 24.04
N ILE B 49 18.75 -11.55 23.39
CA ILE B 49 17.83 -12.68 23.61
C ILE B 49 17.95 -13.19 25.04
N GLN B 50 19.18 -13.33 25.54
CA GLN B 50 19.38 -13.94 26.86
C GLN B 50 18.90 -13.05 28.00
N ASP B 51 18.70 -11.76 27.75
CA ASP B 51 18.25 -10.85 28.79
C ASP B 51 16.78 -10.47 28.65
N ALA B 52 16.04 -11.13 27.76
CA ALA B 52 14.63 -10.78 27.58
C ALA B 52 13.76 -11.55 28.56
N ASP B 53 12.52 -11.07 28.70
CA ASP B 53 11.50 -11.83 29.44
C ASP B 53 10.98 -13.01 28.61
N THR B 54 10.67 -12.76 27.33
CA THR B 54 10.16 -13.76 26.39
C THR B 54 10.91 -13.62 25.07
N PHE B 55 11.20 -14.76 24.44
CA PHE B 55 11.78 -14.83 23.10
C PHE B 55 10.84 -15.63 22.23
N VAL B 56 10.43 -15.06 21.11
CA VAL B 56 9.51 -15.72 20.18
C VAL B 56 10.23 -15.96 18.86
N TYR B 57 10.26 -17.20 18.41
CA TYR B 57 10.75 -17.50 17.07
C TYR B 57 9.65 -18.26 16.32
N GLU B 58 9.81 -18.34 15.00
CA GLU B 58 8.76 -18.93 14.19
C GLU B 58 8.83 -20.46 14.23
N ASN B 59 9.98 -21.02 13.84
CA ASN B 59 10.12 -22.46 13.70
C ASN B 59 11.59 -22.78 13.44
N GLU B 60 12.05 -23.91 13.97
CA GLU B 60 13.45 -24.27 13.82
C GLU B 60 13.86 -24.52 12.37
N ASN B 61 12.90 -24.84 11.48
CA ASN B 61 13.18 -24.99 10.07
C ASN B 61 13.32 -23.66 9.35
N MET B 62 13.07 -22.56 10.04
CA MET B 62 13.29 -21.22 9.51
C MET B 62 14.53 -20.59 10.15
N GLU B 63 14.47 -20.29 11.45
CA GLU B 63 15.63 -19.80 12.21
C GLU B 63 16.41 -21.02 12.71
N THR B 64 17.27 -21.57 11.84
CA THR B 64 17.93 -22.83 12.17
C THR B 64 18.99 -22.71 13.26
N TRP B 65 19.34 -21.49 13.65
CA TRP B 65 20.27 -21.26 14.74
C TRP B 65 19.62 -21.36 16.12
N VAL B 66 18.29 -21.39 16.20
CA VAL B 66 17.56 -21.36 17.47
C VAL B 66 17.79 -22.61 18.31
N PRO B 67 17.76 -23.83 17.73
CA PRO B 67 17.96 -25.03 18.57
C PRO B 67 19.22 -25.03 19.43
N LYS B 68 20.38 -24.70 18.86
CA LYS B 68 21.61 -24.64 19.64
C LYS B 68 21.55 -23.53 20.68
N LEU B 69 20.88 -22.42 20.35
CA LEU B 69 20.76 -21.34 21.32
C LEU B 69 19.84 -21.73 22.47
N LEU B 70 18.80 -22.52 22.20
CA LEU B 70 17.84 -22.88 23.25
C LEU B 70 18.50 -23.63 24.39
N ASP B 71 19.57 -24.37 24.12
CA ASP B 71 20.21 -25.14 25.18
C ASP B 71 20.94 -24.23 26.17
N THR B 72 21.45 -23.09 25.73
CA THR B 72 22.07 -22.15 26.65
C THR B 72 21.04 -21.40 27.50
N LEU B 73 19.78 -21.35 27.09
CA LEU B 73 18.80 -20.46 27.71
C LEU B 73 18.15 -21.02 28.96
N ASP B 74 18.39 -22.27 29.33
CA ASP B 74 17.62 -22.84 30.44
C ASP B 74 18.00 -22.23 31.78
N LYS B 75 19.27 -21.86 31.97
CA LYS B 75 19.68 -21.15 33.17
C LYS B 75 19.66 -19.63 32.96
N LYS B 76 18.94 -19.17 31.94
CA LYS B 76 18.54 -17.79 31.79
C LYS B 76 17.04 -17.68 32.10
N LYS B 77 16.60 -16.45 32.39
CA LYS B 77 15.22 -16.26 32.81
C LYS B 77 14.24 -16.23 31.64
N VAL B 78 14.72 -16.06 30.41
CA VAL B 78 13.82 -15.88 29.27
C VAL B 78 13.00 -17.16 29.04
N LYS B 79 11.71 -16.99 28.81
CA LYS B 79 10.81 -18.06 28.40
C LYS B 79 10.59 -17.99 26.89
N THR B 80 10.69 -19.13 26.22
CA THR B 80 10.65 -19.11 24.76
C THR B 80 9.30 -19.60 24.23
N ILE B 81 8.95 -19.10 23.06
CA ILE B 81 7.73 -19.46 22.37
C ILE B 81 8.09 -19.81 20.94
N LYS B 82 7.69 -21.00 20.50
CA LYS B 82 7.77 -21.41 19.10
C LYS B 82 6.42 -21.10 18.49
N ALA B 83 6.38 -20.11 17.59
CA ALA B 83 5.10 -19.58 17.14
C ALA B 83 4.22 -20.64 16.49
N THR B 84 4.83 -21.57 15.73
CA THR B 84 4.03 -22.59 15.05
C THR B 84 3.57 -23.71 15.98
N GLY B 85 4.12 -23.81 17.19
CA GLY B 85 3.63 -24.82 18.13
C GLY B 85 3.74 -26.21 17.55
N ASP B 86 2.64 -26.95 17.60
CA ASP B 86 2.60 -28.31 17.10
C ASP B 86 2.00 -28.42 15.70
N MET B 87 1.93 -27.32 14.95
CA MET B 87 1.42 -27.39 13.59
C MET B 87 2.25 -28.37 12.75
N LEU B 88 1.58 -29.26 12.03
CA LEU B 88 2.27 -30.17 11.11
C LEU B 88 2.68 -29.42 9.85
N LEU B 89 3.86 -29.77 9.32
CA LEU B 89 4.49 -29.00 8.25
C LEU B 89 4.61 -29.82 6.98
N LEU B 90 4.57 -29.12 5.84
CA LEU B 90 4.88 -29.73 4.56
C LEU B 90 6.37 -30.07 4.48
N PRO B 91 6.75 -31.01 3.60
CA PRO B 91 8.17 -31.26 3.37
C PRO B 91 8.87 -30.04 2.76
N GLY B 92 10.15 -29.89 3.09
CA GLY B 92 10.92 -28.76 2.62
C GLY B 92 11.35 -28.92 1.17
N GLY B 93 11.74 -27.80 0.56
CA GLY B 93 12.19 -27.79 -0.82
C GLY B 93 13.44 -28.61 -1.07
N GLU B 110 14.11 -30.36 4.86
CA GLU B 110 13.57 -30.67 6.19
C GLU B 110 12.07 -30.44 6.17
N PHE B 111 11.62 -29.30 6.67
CA PHE B 111 10.22 -28.93 6.56
C PHE B 111 10.12 -27.51 6.02
N ASP B 112 9.02 -27.23 5.36
CA ASP B 112 8.76 -25.90 4.86
C ASP B 112 8.22 -25.05 6.01
N PRO B 113 8.90 -23.96 6.39
CA PRO B 113 8.44 -23.15 7.52
C PRO B 113 7.42 -22.08 7.18
N HIS B 114 7.11 -21.86 5.90
CA HIS B 114 6.37 -20.66 5.47
C HIS B 114 4.88 -20.70 5.77
N VAL B 115 4.47 -21.05 7.00
CA VAL B 115 3.04 -21.22 7.26
C VAL B 115 2.29 -19.89 7.31
N TRP B 116 2.99 -18.77 7.52
CA TRP B 116 2.29 -17.51 7.79
C TRP B 116 1.72 -16.86 6.53
N LEU B 117 2.01 -17.40 5.34
CA LEU B 117 1.43 -16.83 4.11
C LEU B 117 0.02 -17.34 3.87
N SER B 118 -0.47 -18.24 4.72
CA SER B 118 -1.85 -18.64 4.69
C SER B 118 -2.59 -17.95 5.81
N PRO B 119 -3.57 -17.09 5.54
CA PRO B 119 -4.26 -16.38 6.64
C PRO B 119 -4.86 -17.30 7.69
N VAL B 120 -5.39 -18.45 7.29
CA VAL B 120 -6.00 -19.35 8.27
C VAL B 120 -4.93 -19.93 9.19
N ARG B 121 -3.69 -20.05 8.71
CA ARG B 121 -2.60 -20.50 9.58
C ARG B 121 -2.06 -19.40 10.47
N ALA B 122 -2.06 -18.16 9.98
CA ALA B 122 -1.68 -17.03 10.81
C ALA B 122 -2.55 -16.97 12.05
N ILE B 123 -3.82 -17.32 11.92
CA ILE B 123 -4.73 -17.32 13.07
C ILE B 123 -4.23 -18.28 14.13
N LYS B 124 -3.76 -19.46 13.71
CA LYS B 124 -3.24 -20.46 14.63
C LYS B 124 -1.97 -19.98 15.33
N LEU B 125 -1.09 -19.30 14.59
CA LEU B 125 0.11 -18.76 15.21
C LEU B 125 -0.25 -17.72 16.25
N VAL B 126 -1.18 -16.82 15.92
CA VAL B 126 -1.63 -15.82 16.89
C VAL B 126 -2.23 -16.52 18.11
N GLU B 127 -3.08 -17.52 17.86
CA GLU B 127 -3.69 -18.25 18.97
C GLU B 127 -2.63 -18.94 19.82
N HIS B 128 -1.60 -19.50 19.18
CA HIS B 128 -0.58 -20.18 19.98
C HIS B 128 0.24 -19.19 20.79
N ILE B 129 0.60 -18.04 20.21
CA ILE B 129 1.35 -17.03 20.95
C ILE B 129 0.52 -16.51 22.12
N ARG B 130 -0.78 -16.28 21.88
CA ARG B 130 -1.71 -15.87 22.94
C ARG B 130 -1.73 -16.86 24.09
N ASP B 131 -1.83 -18.15 23.78
CA ASP B 131 -1.93 -19.15 24.84
C ASP B 131 -0.61 -19.37 25.58
N SER B 132 0.52 -19.22 24.89
CA SER B 132 1.81 -19.35 25.56
C SER B 132 2.07 -18.15 26.48
N LEU B 133 1.78 -16.93 26.00
CA LEU B 133 1.94 -15.76 26.84
C LEU B 133 1.03 -15.85 28.06
N SER B 134 -0.19 -16.40 27.87
CA SER B 134 -1.12 -16.55 28.98
C SER B 134 -0.62 -17.56 30.00
N ALA B 135 0.01 -18.63 29.55
CA ALA B 135 0.55 -19.62 30.47
C ALA B 135 1.80 -19.12 31.19
N ASP B 136 2.53 -18.19 30.58
CA ASP B 136 3.75 -17.66 31.20
C ASP B 136 3.48 -16.44 32.08
N TYR B 137 2.45 -15.66 31.79
CA TYR B 137 2.14 -14.43 32.54
C TYR B 137 0.64 -14.34 32.79
N PRO B 138 0.10 -15.19 33.68
CA PRO B 138 -1.35 -15.22 33.87
C PRO B 138 -1.95 -13.88 34.29
N ASP B 139 -1.17 -13.03 34.97
CA ASP B 139 -1.69 -11.76 35.42
C ASP B 139 -1.94 -10.79 34.27
N LYS B 140 -1.47 -11.12 33.07
CA LYS B 140 -1.73 -10.33 31.88
C LYS B 140 -2.73 -11.04 30.96
N LYS B 141 -3.28 -12.16 31.41
CA LYS B 141 -4.00 -13.09 30.54
C LYS B 141 -5.15 -12.40 29.82
N GLU B 142 -5.98 -11.65 30.55
CA GLU B 142 -7.18 -11.07 29.95
C GLU B 142 -6.84 -10.02 28.90
N THR B 143 -5.71 -9.33 29.02
CA THR B 143 -5.28 -8.44 27.95
C THR B 143 -4.85 -9.22 26.71
N PHE B 144 -4.08 -10.30 26.91
CA PHE B 144 -3.66 -11.12 25.77
C PHE B 144 -4.87 -11.64 25.00
N GLU B 145 -5.86 -12.11 25.76
CA GLU B 145 -7.03 -12.79 25.23
C GLU B 145 -7.82 -11.82 24.36
N LYS B 146 -7.89 -10.56 24.83
CA LYS B 146 -8.65 -9.48 24.22
C LYS B 146 -7.94 -8.88 23.02
N ASN B 147 -6.63 -8.65 23.13
CA ASN B 147 -5.89 -8.17 21.97
C ASN B 147 -5.92 -9.20 20.86
N ALA B 148 -5.76 -10.48 21.22
CA ALA B 148 -5.72 -11.53 20.21
C ALA B 148 -7.05 -11.66 19.50
N ALA B 149 -8.17 -11.61 20.24
CA ALA B 149 -9.47 -11.81 19.62
C ALA B 149 -9.77 -10.72 18.61
N ALA B 150 -9.37 -9.48 18.90
CA ALA B 150 -9.59 -8.40 17.94
C ALA B 150 -8.73 -8.57 16.69
N TYR B 151 -7.48 -8.97 16.85
CA TYR B 151 -6.64 -9.18 15.66
C TYR B 151 -7.11 -10.41 14.88
N ILE B 152 -7.49 -11.49 15.57
CA ILE B 152 -7.95 -12.70 14.89
C ILE B 152 -9.17 -12.39 14.02
N GLU B 153 -10.06 -11.51 14.48
CA GLU B 153 -11.21 -11.17 13.65
C GLU B 153 -10.80 -10.52 12.34
N LYS B 154 -9.77 -9.67 12.38
CA LYS B 154 -9.24 -9.10 11.14
C LYS B 154 -8.64 -10.19 10.26
N LEU B 155 -7.98 -11.16 10.87
CA LEU B 155 -7.41 -12.25 10.09
C LEU B 155 -8.49 -13.12 9.48
N GLN B 156 -9.62 -13.27 10.17
CA GLN B 156 -10.75 -14.02 9.61
C GLN B 156 -11.34 -13.31 8.40
N SER B 157 -11.42 -11.98 8.45
CA SER B 157 -11.82 -11.22 7.26
C SER B 157 -10.82 -11.39 6.14
N LEU B 158 -9.53 -11.47 6.47
CA LEU B 158 -8.51 -11.69 5.46
C LEU B 158 -8.66 -13.08 4.83
N ASP B 159 -8.90 -14.12 5.66
CA ASP B 159 -9.18 -15.47 5.15
C ASP B 159 -10.38 -15.47 4.20
N LYS B 160 -11.47 -14.81 4.59
CA LYS B 160 -12.62 -14.77 3.70
C LYS B 160 -12.27 -14.11 2.38
N ALA B 161 -11.48 -13.03 2.43
CA ALA B 161 -11.09 -12.37 1.19
C ALA B 161 -10.26 -13.31 0.33
N TYR B 162 -9.34 -14.06 0.94
CA TYR B 162 -8.52 -15.01 0.19
C TYR B 162 -9.38 -16.09 -0.45
N ALA B 163 -10.35 -16.63 0.31
CA ALA B 163 -11.21 -17.69 -0.21
C ALA B 163 -12.09 -17.21 -1.34
N GLU B 164 -12.69 -16.02 -1.19
CA GLU B 164 -13.53 -15.47 -2.26
C GLU B 164 -12.73 -15.16 -3.52
N GLY B 165 -11.53 -14.61 -3.34
CA GLY B 165 -10.71 -14.20 -4.47
C GLY B 165 -10.00 -15.33 -5.19
N LEU B 166 -9.81 -16.48 -4.53
CA LEU B 166 -9.03 -17.56 -5.13
C LEU B 166 -9.78 -18.84 -5.43
N SER B 167 -10.98 -19.06 -4.86
CA SER B 167 -11.64 -20.35 -5.06
C SER B 167 -12.10 -20.54 -6.49
N GLN B 168 -12.39 -19.46 -7.22
CA GLN B 168 -12.80 -19.58 -8.61
C GLN B 168 -11.66 -19.31 -9.59
N ALA B 169 -10.40 -19.49 -9.15
CA ALA B 169 -9.26 -19.30 -10.03
C ALA B 169 -9.39 -20.14 -11.28
N LYS B 170 -9.12 -19.53 -12.43
CA LYS B 170 -9.07 -20.25 -13.68
C LYS B 170 -7.68 -20.80 -13.94
N GLN B 171 -6.64 -20.04 -13.58
CA GLN B 171 -5.25 -20.47 -13.71
C GLN B 171 -4.77 -20.80 -12.29
N LYS B 172 -4.54 -22.10 -12.02
CA LYS B 172 -4.24 -22.53 -10.66
C LYS B 172 -2.76 -22.40 -10.32
N SER B 173 -1.89 -22.35 -11.32
CA SER B 173 -0.46 -22.33 -11.08
C SER B 173 0.08 -20.91 -11.18
N PHE B 174 1.00 -20.57 -10.27
CA PHE B 174 1.64 -19.26 -10.27
C PHE B 174 3.13 -19.48 -10.06
N VAL B 175 3.94 -18.65 -10.69
CA VAL B 175 5.39 -18.83 -10.74
C VAL B 175 6.05 -17.77 -9.85
N THR B 176 6.86 -18.22 -8.90
CA THR B 176 7.46 -17.33 -7.91
C THR B 176 8.96 -17.55 -7.82
N GLN B 177 9.69 -16.46 -7.60
CA GLN B 177 11.12 -16.56 -7.42
C GLN B 177 11.50 -17.00 -6.00
N HIS B 178 10.61 -16.82 -5.02
CA HIS B 178 10.82 -17.28 -3.65
C HIS B 178 9.71 -18.26 -3.26
N ALA B 179 10.07 -19.50 -2.96
CA ALA B 179 9.10 -20.58 -2.76
C ALA B 179 8.45 -20.52 -1.36
N ALA B 180 7.80 -19.41 -1.06
CA ALA B 180 7.24 -19.19 0.28
C ALA B 180 5.74 -19.45 0.35
N PHE B 181 5.13 -19.95 -0.72
CA PHE B 181 3.68 -19.92 -0.86
C PHE B 181 3.08 -21.32 -1.03
N ASN B 182 3.78 -22.34 -0.53
CA ASN B 182 3.23 -23.69 -0.60
C ASN B 182 2.04 -23.89 0.32
N TYR B 183 2.00 -23.17 1.47
CA TYR B 183 0.85 -23.31 2.36
C TYR B 183 -0.34 -22.51 1.85
N LEU B 184 -0.07 -21.33 1.29
CA LEU B 184 -1.10 -20.61 0.56
C LEU B 184 -1.69 -21.51 -0.52
N ALA B 185 -0.82 -22.14 -1.30
CA ALA B 185 -1.30 -23.03 -2.37
C ALA B 185 -2.10 -24.19 -1.79
N LEU B 186 -1.58 -24.83 -0.73
CA LEU B 186 -2.28 -25.95 -0.11
C LEU B 186 -3.67 -25.52 0.38
N ASP B 187 -3.74 -24.43 1.16
CA ASP B 187 -4.98 -24.08 1.84
C ASP B 187 -6.01 -23.44 0.92
N TYR B 188 -5.60 -22.80 -0.18
CA TYR B 188 -6.55 -22.13 -1.05
C TYR B 188 -6.63 -22.75 -2.44
N GLY B 189 -6.07 -23.94 -2.64
CA GLY B 189 -6.33 -24.70 -3.84
C GLY B 189 -5.56 -24.30 -5.07
N LEU B 190 -4.34 -23.82 -4.92
CA LEU B 190 -3.51 -23.40 -6.04
C LEU B 190 -2.28 -24.30 -6.10
N LYS B 191 -1.40 -24.01 -7.04
CA LYS B 191 -0.15 -24.74 -7.23
C LYS B 191 0.99 -23.74 -7.38
N GLN B 192 1.94 -23.76 -6.46
CA GLN B 192 3.12 -22.92 -6.57
C GLN B 192 4.12 -23.58 -7.49
N VAL B 193 4.63 -22.83 -8.45
CA VAL B 193 5.76 -23.24 -9.28
C VAL B 193 6.93 -22.34 -8.91
N ALA B 194 7.96 -22.92 -8.30
CA ALA B 194 9.14 -22.16 -7.88
C ALA B 194 10.18 -22.18 -8.99
N ILE B 195 10.84 -21.06 -9.19
CA ILE B 195 11.87 -20.94 -10.21
C ILE B 195 13.15 -20.42 -9.55
N SER B 196 14.26 -21.10 -9.79
CA SER B 196 15.52 -20.69 -9.16
C SER B 196 16.40 -19.95 -10.16
N GLY B 197 17.44 -19.32 -9.61
CA GLY B 197 18.39 -18.57 -10.41
C GLY B 197 17.96 -17.17 -10.81
N LEU B 198 16.90 -16.64 -10.22
CA LEU B 198 16.52 -15.25 -10.41
C LEU B 198 16.50 -14.53 -9.07
N SER B 199 16.91 -13.28 -9.11
CA SER B 199 16.82 -12.35 -7.99
C SER B 199 16.13 -11.10 -8.51
N PRO B 200 15.43 -10.36 -7.66
CA PRO B 200 14.77 -9.14 -8.13
C PRO B 200 15.74 -8.12 -8.71
N ASP B 201 17.03 -8.20 -8.37
CA ASP B 201 17.96 -7.15 -8.74
C ASP B 201 19.02 -7.59 -9.73
N ALA B 202 19.18 -8.89 -9.96
CA ALA B 202 20.21 -9.39 -10.86
C ALA B 202 19.63 -9.54 -12.26
N GLU B 203 20.53 -9.72 -13.23
CA GLU B 203 20.08 -10.11 -14.54
C GLU B 203 20.59 -11.51 -14.85
N PRO B 204 19.71 -12.43 -15.25
CA PRO B 204 20.16 -13.80 -15.53
C PRO B 204 21.05 -13.86 -16.76
N SER B 205 21.85 -14.91 -16.83
CA SER B 205 22.68 -15.10 -18.01
C SER B 205 21.80 -15.30 -19.24
N ALA B 206 22.44 -15.17 -20.41
CA ALA B 206 21.74 -15.43 -21.66
C ALA B 206 21.14 -16.83 -21.65
N ALA B 207 21.89 -17.81 -21.11
CA ALA B 207 21.40 -19.18 -21.11
C ALA B 207 20.19 -19.33 -20.19
N ARG B 208 20.24 -18.76 -18.98
CA ARG B 208 19.10 -18.85 -18.06
C ARG B 208 17.88 -18.14 -18.64
N LEU B 209 18.10 -16.99 -19.25
CA LEU B 209 17.01 -16.26 -19.90
C LEU B 209 16.40 -17.08 -21.03
N ALA B 210 17.23 -17.80 -21.78
CA ALA B 210 16.69 -18.58 -22.89
C ALA B 210 15.82 -19.74 -22.37
N GLU B 211 16.27 -20.41 -21.30
CA GLU B 211 15.44 -21.42 -20.64
C GLU B 211 14.15 -20.82 -20.13
N LEU B 212 14.24 -19.65 -19.49
CA LEU B 212 13.03 -19.01 -19.00
C LEU B 212 12.12 -18.61 -20.15
N THR B 213 12.69 -18.12 -21.26
CA THR B 213 11.88 -17.71 -22.40
C THR B 213 11.08 -18.89 -22.96
N GLU B 214 11.74 -20.03 -23.13
CA GLU B 214 11.06 -21.23 -23.63
C GLU B 214 9.98 -21.69 -22.66
N TYR B 215 10.26 -21.69 -21.36
CA TYR B 215 9.28 -22.11 -20.37
C TYR B 215 8.03 -21.23 -20.43
N VAL B 216 8.22 -19.91 -20.42
CA VAL B 216 7.10 -18.98 -20.47
C VAL B 216 6.26 -19.23 -21.72
N LYS B 217 6.92 -19.45 -22.85
CA LYS B 217 6.18 -19.64 -24.09
C LYS B 217 5.38 -20.94 -24.05
N LYS B 218 6.01 -22.04 -23.62
CA LYS B 218 5.35 -23.34 -23.70
C LYS B 218 4.21 -23.46 -22.71
N ASN B 219 4.32 -22.81 -21.57
CA ASN B 219 3.30 -22.94 -20.55
C ASN B 219 2.39 -21.72 -20.45
N LYS B 220 2.58 -20.73 -21.33
CA LYS B 220 1.73 -19.55 -21.37
C LYS B 220 1.73 -18.79 -20.03
N ILE B 221 2.93 -18.61 -19.47
CA ILE B 221 3.07 -17.90 -18.20
C ILE B 221 2.86 -16.41 -18.40
N ALA B 222 1.97 -15.81 -17.60
CA ALA B 222 1.74 -14.37 -17.71
C ALA B 222 2.61 -13.53 -16.79
N TYR B 223 2.93 -14.04 -15.60
CA TYR B 223 3.68 -13.28 -14.60
C TYR B 223 4.70 -14.19 -13.94
N ILE B 224 5.83 -13.60 -13.59
CA ILE B 224 6.75 -14.17 -12.63
C ILE B 224 6.72 -13.27 -11.41
N TYR B 225 6.43 -13.85 -10.24
CA TYR B 225 6.37 -13.07 -9.01
C TYR B 225 7.71 -13.09 -8.29
N PHE B 226 8.10 -11.92 -7.78
CA PHE B 226 9.33 -11.72 -7.03
C PHE B 226 9.00 -11.27 -5.61
N GLU B 227 9.96 -11.49 -4.71
CA GLU B 227 9.75 -11.17 -3.29
C GLU B 227 9.72 -9.66 -3.02
N GLU B 228 10.30 -8.85 -3.91
CA GLU B 228 10.13 -7.40 -3.89
C GLU B 228 10.18 -6.92 -5.34
N ASN B 229 9.85 -5.64 -5.55
CA ASN B 229 9.79 -5.12 -6.91
C ASN B 229 11.08 -5.42 -7.66
N ALA B 230 10.93 -6.09 -8.79
CA ALA B 230 12.06 -6.32 -9.67
C ALA B 230 12.61 -4.98 -10.16
N SER B 231 13.92 -4.94 -10.35
CA SER B 231 14.55 -3.75 -10.91
C SER B 231 13.98 -3.47 -12.30
N GLN B 232 14.06 -2.19 -12.70
CA GLN B 232 13.54 -1.82 -14.00
C GLN B 232 14.30 -2.53 -15.11
N ALA B 233 15.60 -2.77 -14.90
CA ALA B 233 16.38 -3.51 -15.88
C ALA B 233 15.85 -4.94 -16.02
N LEU B 234 15.61 -5.60 -14.89
CA LEU B 234 15.12 -6.98 -14.95
C LEU B 234 13.72 -7.04 -15.55
N ALA B 235 12.84 -6.11 -15.16
CA ALA B 235 11.48 -6.10 -15.69
C ALA B 235 11.50 -5.87 -17.21
N ASN B 236 12.34 -4.95 -17.69
CA ASN B 236 12.44 -4.70 -19.12
C ASN B 236 12.94 -5.94 -19.86
N THR B 237 13.97 -6.59 -19.32
CA THR B 237 14.52 -7.79 -19.94
C THR B 237 13.48 -8.91 -20.00
N LEU B 238 12.76 -9.12 -18.90
CA LEU B 238 11.74 -10.18 -18.88
C LEU B 238 10.61 -9.86 -19.84
N SER B 239 10.23 -8.59 -19.95
CA SER B 239 9.18 -8.22 -20.90
C SER B 239 9.65 -8.39 -22.34
N LYS B 240 10.84 -7.91 -22.66
CA LYS B 240 11.27 -7.84 -24.06
C LYS B 240 11.91 -9.12 -24.57
N GLU B 241 12.65 -9.85 -23.72
CA GLU B 241 13.25 -11.10 -24.15
C GLU B 241 12.40 -12.31 -23.82
N ALA B 242 11.77 -12.35 -22.65
CA ALA B 242 10.98 -13.51 -22.26
C ALA B 242 9.49 -13.32 -22.49
N GLY B 243 9.04 -12.10 -22.79
CA GLY B 243 7.62 -11.86 -23.00
C GLY B 243 6.76 -12.14 -21.79
N VAL B 244 7.21 -11.73 -20.60
CA VAL B 244 6.48 -12.02 -19.37
C VAL B 244 6.48 -10.78 -18.48
N LYS B 245 5.38 -10.58 -17.76
CA LYS B 245 5.31 -9.48 -16.81
C LYS B 245 5.83 -9.92 -15.43
N THR B 246 6.11 -8.92 -14.59
CA THR B 246 6.57 -9.15 -13.23
C THR B 246 5.65 -8.45 -12.25
N ASP B 247 5.55 -9.01 -11.06
CA ASP B 247 4.86 -8.38 -9.95
C ASP B 247 5.47 -8.97 -8.67
N VAL B 248 4.90 -8.59 -7.53
CA VAL B 248 5.46 -8.91 -6.22
C VAL B 248 4.50 -9.84 -5.50
N LEU B 249 5.04 -10.95 -5.02
CA LEU B 249 4.42 -11.76 -3.99
C LEU B 249 5.39 -11.69 -2.82
N ASN B 250 5.07 -10.86 -1.84
CA ASN B 250 5.95 -10.59 -0.74
C ASN B 250 5.84 -11.72 0.30
N PRO B 251 6.94 -12.42 0.61
CA PRO B 251 6.88 -13.50 1.60
C PRO B 251 6.80 -13.01 3.04
N LEU B 252 6.82 -11.69 3.25
CA LEU B 252 6.70 -11.10 4.59
C LEU B 252 7.79 -11.64 5.52
N GLU B 253 9.01 -11.74 5.00
CA GLU B 253 10.12 -12.12 5.86
C GLU B 253 10.91 -10.93 6.35
N SER B 254 11.03 -9.89 5.54
CA SER B 254 11.50 -8.62 6.05
C SER B 254 10.97 -7.55 5.11
N LEU B 255 10.35 -6.53 5.69
CA LEU B 255 9.82 -5.43 4.92
C LEU B 255 10.96 -4.58 4.36
N THR B 256 10.76 -4.05 3.16
CA THR B 256 11.72 -3.06 2.69
C THR B 256 11.64 -1.84 3.61
N GLU B 257 12.69 -1.02 3.56
CA GLU B 257 12.69 0.25 4.27
C GLU B 257 11.53 1.12 3.82
N GLU B 258 11.23 1.12 2.51
CA GLU B 258 10.12 1.94 2.04
C GLU B 258 8.79 1.38 2.54
N ASP B 259 8.60 0.06 2.50
CA ASP B 259 7.37 -0.51 3.03
C ASP B 259 7.25 -0.21 4.53
N THR B 260 8.37 -0.22 5.26
CA THR B 260 8.36 0.13 6.67
C THR B 260 7.97 1.59 6.89
N LYS B 261 8.64 2.50 6.17
CA LYS B 261 8.29 3.92 6.34
C LYS B 261 6.87 4.21 5.91
N ALA B 262 6.29 3.39 5.03
CA ALA B 262 4.91 3.58 4.58
C ALA B 262 3.90 2.97 5.53
N GLY B 263 4.34 2.30 6.60
CA GLY B 263 3.42 1.73 7.55
C GLY B 263 2.74 0.46 7.07
N GLU B 264 3.31 -0.25 6.11
CA GLU B 264 2.76 -1.54 5.70
C GLU B 264 2.84 -2.53 6.85
N ASN B 265 1.87 -3.45 6.91
CA ASN B 265 1.85 -4.47 7.94
C ASN B 265 1.41 -5.79 7.32
N TYR B 266 1.30 -6.81 8.16
CA TYR B 266 0.97 -8.15 7.66
C TYR B 266 -0.30 -8.12 6.82
N ILE B 267 -1.35 -7.49 7.34
CA ILE B 267 -2.63 -7.57 6.64
C ILE B 267 -2.58 -6.79 5.33
N SER B 268 -2.00 -5.58 5.35
CA SER B 268 -1.98 -4.80 4.12
C SER B 268 -1.14 -5.49 3.06
N VAL B 269 -0.01 -6.08 3.47
CA VAL B 269 0.82 -6.76 2.48
C VAL B 269 0.11 -8.01 1.96
N MET B 270 -0.58 -8.75 2.84
CA MET B 270 -1.34 -9.91 2.39
C MET B 270 -2.46 -9.52 1.44
N GLU B 271 -3.09 -8.36 1.67
CA GLU B 271 -4.07 -7.91 0.70
C GLU B 271 -3.40 -7.57 -0.62
N LYS B 272 -2.21 -6.96 -0.59
CA LYS B 272 -1.47 -6.70 -1.83
C LYS B 272 -1.06 -7.98 -2.54
N ASN B 273 -0.67 -9.01 -1.79
CA ASN B 273 -0.34 -10.29 -2.43
C ASN B 273 -1.54 -10.84 -3.18
N LEU B 274 -2.71 -10.79 -2.55
CA LEU B 274 -3.92 -11.34 -3.15
C LEU B 274 -4.23 -10.67 -4.48
N LYS B 275 -4.14 -9.33 -4.51
CA LYS B 275 -4.39 -8.60 -5.75
C LYS B 275 -3.37 -8.97 -6.83
N ALA B 276 -2.10 -9.09 -6.44
CA ALA B 276 -1.07 -9.45 -7.42
C ALA B 276 -1.28 -10.88 -7.93
N LEU B 277 -1.61 -11.80 -7.03
CA LEU B 277 -1.82 -13.18 -7.41
C LEU B 277 -3.01 -13.34 -8.35
N LYS B 278 -4.09 -12.59 -8.07
CA LYS B 278 -5.30 -12.71 -8.87
C LYS B 278 -5.09 -12.28 -10.33
N GLN B 279 -4.10 -11.43 -10.59
CA GLN B 279 -3.72 -11.12 -11.98
C GLN B 279 -3.35 -12.37 -12.75
N THR B 280 -2.79 -13.38 -12.10
CA THR B 280 -2.54 -14.67 -12.72
C THR B 280 -3.74 -15.59 -12.58
N THR B 281 -4.25 -15.75 -11.36
CA THR B 281 -5.22 -16.81 -11.14
C THR B 281 -6.54 -16.46 -11.81
N ASP B 282 -6.85 -15.18 -11.93
CA ASP B 282 -8.02 -14.75 -12.70
C ASP B 282 -7.55 -14.69 -14.14
N GLN B 283 -7.53 -15.85 -14.79
CA GLN B 283 -7.17 -16.02 -16.20
C GLN B 283 -6.13 -15.01 -16.73
N GLY C 1 -27.22 -3.91 -43.69
CA GLY C 1 -26.28 -3.58 -42.62
C GLY C 1 -26.49 -4.42 -41.37
N LYS C 2 -26.51 -3.76 -40.22
CA LYS C 2 -26.67 -4.43 -38.94
C LYS C 2 -28.14 -4.73 -38.67
N LEU C 3 -28.40 -5.91 -38.11
CA LEU C 3 -29.75 -6.25 -37.67
C LEU C 3 -30.21 -5.27 -36.60
N ASN C 4 -31.51 -4.98 -36.59
CA ASN C 4 -32.13 -4.19 -35.54
C ASN C 4 -32.93 -5.13 -34.62
N ILE C 5 -32.43 -5.32 -33.42
CA ILE C 5 -33.04 -6.23 -32.46
C ILE C 5 -33.52 -5.40 -31.28
N VAL C 6 -34.77 -5.59 -30.88
CA VAL C 6 -35.35 -4.94 -29.71
C VAL C 6 -35.58 -6.01 -28.66
N THR C 7 -35.09 -5.77 -27.45
CA THR C 7 -35.30 -6.67 -26.31
C THR C 7 -36.05 -5.92 -25.22
N THR C 8 -36.63 -6.68 -24.29
CA THR C 8 -37.47 -6.05 -23.28
C THR C 8 -36.67 -5.46 -22.12
N PHE C 9 -36.13 -6.32 -21.24
CA PHE C 9 -35.46 -5.79 -20.05
C PHE C 9 -34.07 -6.43 -19.91
N TYR C 10 -33.33 -5.97 -18.89
CA TYR C 10 -31.86 -6.09 -18.91
C TYR C 10 -31.34 -7.49 -19.20
N PRO C 11 -31.75 -8.56 -18.51
CA PRO C 11 -31.16 -9.88 -18.82
C PRO C 11 -31.41 -10.32 -20.25
N VAL C 12 -32.59 -10.04 -20.80
CA VAL C 12 -32.87 -10.36 -22.21
C VAL C 12 -31.94 -9.58 -23.12
N TYR C 13 -31.70 -8.31 -22.79
CA TYR C 13 -30.78 -7.48 -23.56
C TYR C 13 -29.36 -8.04 -23.52
N GLU C 14 -28.87 -8.39 -22.33
CA GLU C 14 -27.49 -8.84 -22.16
C GLU C 14 -27.25 -10.16 -22.89
N PHE C 15 -28.13 -11.14 -22.69
CA PHE C 15 -27.94 -12.43 -23.34
C PHE C 15 -28.02 -12.28 -24.86
N THR C 16 -28.96 -11.48 -25.36
CA THR C 16 -29.09 -11.30 -26.81
C THR C 16 -27.86 -10.61 -27.39
N LYS C 17 -27.35 -9.59 -26.71
CA LYS C 17 -26.17 -8.89 -27.20
C LYS C 17 -24.93 -9.76 -27.13
N GLN C 18 -24.82 -10.62 -26.12
CA GLN C 18 -23.68 -11.55 -26.09
C GLN C 18 -23.72 -12.49 -27.28
N VAL C 19 -24.91 -12.90 -27.70
CA VAL C 19 -25.02 -13.86 -28.80
C VAL C 19 -24.86 -13.15 -30.14
N ALA C 20 -25.57 -12.04 -30.32
CA ALA C 20 -25.54 -11.36 -31.61
C ALA C 20 -24.22 -10.63 -31.83
N GLY C 21 -23.66 -10.05 -30.77
CA GLY C 21 -22.40 -9.35 -30.88
C GLY C 21 -22.48 -8.24 -31.90
N ASP C 22 -21.48 -8.17 -32.76
CA ASP C 22 -21.42 -7.06 -33.71
C ASP C 22 -22.34 -7.24 -34.91
N THR C 23 -23.08 -8.34 -35.00
CA THR C 23 -24.05 -8.47 -36.08
C THR C 23 -25.28 -7.60 -35.88
N ALA C 24 -25.41 -6.88 -34.77
CA ALA C 24 -26.71 -6.28 -34.49
C ALA C 24 -26.57 -5.07 -33.60
N ASN C 25 -27.48 -4.11 -33.81
CA ASN C 25 -27.74 -3.06 -32.86
C ASN C 25 -28.86 -3.55 -31.94
N VAL C 26 -28.54 -3.82 -30.69
CA VAL C 26 -29.49 -4.40 -29.75
C VAL C 26 -30.01 -3.28 -28.86
N GLU C 27 -31.31 -3.03 -28.92
CA GLU C 27 -31.92 -1.97 -28.14
C GLU C 27 -32.63 -2.53 -26.92
N LEU C 28 -32.55 -1.80 -25.81
CA LEU C 28 -33.19 -2.15 -24.56
C LEU C 28 -34.45 -1.30 -24.40
N LEU C 29 -35.61 -1.96 -24.39
CA LEU C 29 -36.88 -1.25 -24.33
C LEU C 29 -37.18 -0.72 -22.93
N ILE C 30 -36.99 -1.55 -21.91
CA ILE C 30 -37.31 -1.20 -20.53
C ILE C 30 -35.99 -0.97 -19.82
N GLY C 31 -35.61 0.30 -19.69
CA GLY C 31 -34.26 0.67 -19.33
C GLY C 31 -34.01 0.77 -17.83
N ALA C 32 -32.93 1.46 -17.50
CA ALA C 32 -32.53 1.66 -16.12
C ALA C 32 -33.57 2.51 -15.40
N GLY C 33 -33.79 2.19 -14.13
CA GLY C 33 -34.76 2.93 -13.34
C GLY C 33 -36.20 2.72 -13.76
N THR C 34 -36.53 1.54 -14.29
CA THR C 34 -37.89 1.19 -14.66
C THR C 34 -38.18 -0.24 -14.27
N GLU C 35 -39.36 -0.48 -13.69
CA GLU C 35 -39.76 -1.82 -13.28
C GLU C 35 -40.39 -2.60 -14.43
N PRO C 36 -39.76 -3.66 -14.93
CA PRO C 36 -40.37 -4.45 -16.01
C PRO C 36 -41.69 -5.10 -15.66
N HIS C 37 -41.94 -5.43 -14.39
CA HIS C 37 -43.21 -6.05 -13.99
C HIS C 37 -44.40 -5.13 -14.27
N GLU C 38 -44.18 -3.80 -14.26
CA GLU C 38 -45.24 -2.81 -14.41
C GLU C 38 -45.31 -2.23 -15.81
N TYR C 39 -44.26 -2.38 -16.62
CA TYR C 39 -44.20 -1.73 -17.92
C TYR C 39 -45.28 -2.26 -18.86
N GLU C 40 -45.86 -1.35 -19.66
CA GLU C 40 -46.68 -1.71 -20.80
C GLU C 40 -46.26 -0.81 -21.96
N PRO C 41 -46.10 -1.38 -23.15
CA PRO C 41 -45.58 -0.56 -24.25
C PRO C 41 -46.63 0.42 -24.73
N SER C 42 -46.17 1.62 -25.07
CA SER C 42 -47.00 2.60 -25.73
C SER C 42 -47.10 2.28 -27.22
N ALA C 43 -48.00 2.98 -27.92
CA ALA C 43 -48.13 2.77 -29.37
C ALA C 43 -46.82 3.07 -30.08
N LYS C 44 -46.04 4.01 -29.54
CA LYS C 44 -44.70 4.28 -30.08
C LYS C 44 -43.79 3.06 -29.90
N ALA C 45 -43.74 2.52 -28.69
CA ALA C 45 -42.90 1.34 -28.46
C ALA C 45 -43.34 0.19 -29.34
N VAL C 46 -44.66 -0.01 -29.48
CA VAL C 46 -45.16 -1.10 -30.33
C VAL C 46 -44.70 -0.92 -31.76
N ALA C 47 -44.80 0.30 -32.31
CA ALA C 47 -44.33 0.52 -33.67
C ALA C 47 -42.83 0.21 -33.79
N LYS C 48 -42.05 0.64 -32.80
CA LYS C 48 -40.62 0.29 -32.72
C LYS C 48 -40.43 -1.23 -32.75
N ILE C 49 -41.25 -1.97 -32.01
CA ILE C 49 -41.16 -3.42 -32.02
C ILE C 49 -41.51 -3.96 -33.40
N GLN C 50 -42.57 -3.44 -34.02
CA GLN C 50 -43.05 -4.03 -35.27
C GLN C 50 -42.07 -3.87 -36.42
N ASP C 51 -41.28 -2.80 -36.44
CA ASP C 51 -40.36 -2.58 -37.55
C ASP C 51 -38.96 -3.13 -37.30
N ALA C 52 -38.70 -3.73 -36.15
CA ALA C 52 -37.38 -4.28 -35.93
C ALA C 52 -37.20 -5.55 -36.77
N ASP C 53 -35.94 -5.99 -36.88
CA ASP C 53 -35.68 -7.29 -37.48
C ASP C 53 -36.08 -8.41 -36.52
N THR C 54 -35.72 -8.29 -35.25
CA THR C 54 -35.96 -9.31 -34.23
C THR C 54 -36.48 -8.63 -32.97
N PHE C 55 -37.41 -9.29 -32.29
CA PHE C 55 -37.89 -8.88 -30.96
C PHE C 55 -37.68 -10.05 -30.01
N VAL C 56 -36.96 -9.84 -28.92
CA VAL C 56 -36.72 -10.87 -27.92
C VAL C 56 -37.37 -10.44 -26.62
N TYR C 57 -38.22 -11.30 -26.06
CA TYR C 57 -38.78 -11.13 -24.73
C TYR C 57 -38.47 -12.37 -23.91
N GLU C 58 -38.65 -12.26 -22.59
CA GLU C 58 -38.26 -13.36 -21.71
C GLU C 58 -39.35 -14.43 -21.70
N ASN C 59 -40.57 -14.06 -21.31
CA ASN C 59 -41.62 -15.03 -21.07
C ASN C 59 -42.93 -14.29 -20.84
N GLU C 60 -44.04 -14.89 -21.29
CA GLU C 60 -45.35 -14.26 -21.15
C GLU C 60 -45.78 -14.09 -19.70
N ASN C 61 -45.22 -14.87 -18.77
CA ASN C 61 -45.49 -14.67 -17.36
C ASN C 61 -44.71 -13.51 -16.76
N MET C 62 -43.78 -12.91 -17.51
CA MET C 62 -43.08 -11.72 -17.07
C MET C 62 -43.65 -10.53 -17.81
N GLU C 63 -43.42 -10.47 -19.12
CA GLU C 63 -44.01 -9.43 -19.98
C GLU C 63 -45.40 -9.89 -20.38
N THR C 64 -46.36 -9.66 -19.47
CA THR C 64 -47.70 -10.18 -19.69
C THR C 64 -48.44 -9.52 -20.84
N TRP C 65 -47.92 -8.41 -21.38
CA TRP C 65 -48.50 -7.72 -22.53
C TRP C 65 -48.09 -8.33 -23.86
N VAL C 66 -47.12 -9.24 -23.88
CA VAL C 66 -46.61 -9.78 -25.13
C VAL C 66 -47.64 -10.68 -25.84
N PRO C 67 -48.35 -11.57 -25.14
CA PRO C 67 -49.29 -12.45 -25.84
C PRO C 67 -50.29 -11.73 -26.75
N LYS C 68 -50.93 -10.65 -26.29
CA LYS C 68 -51.87 -9.92 -27.15
C LYS C 68 -51.15 -9.20 -28.28
N LEU C 69 -49.85 -8.97 -28.15
CA LEU C 69 -49.09 -8.32 -29.20
C LEU C 69 -48.69 -9.29 -30.31
N LEU C 70 -48.48 -10.57 -29.95
CA LEU C 70 -47.99 -11.56 -30.92
C LEU C 70 -48.94 -11.78 -32.09
N ASP C 71 -50.25 -11.66 -31.87
CA ASP C 71 -51.16 -11.87 -32.98
C ASP C 71 -51.05 -10.76 -34.01
N THR C 72 -50.70 -9.56 -33.58
CA THR C 72 -50.41 -8.46 -34.50
C THR C 72 -49.08 -8.63 -35.21
N LEU C 73 -48.13 -9.36 -34.64
CA LEU C 73 -46.78 -9.35 -35.17
C LEU C 73 -46.61 -10.31 -36.33
N ASP C 74 -47.65 -11.08 -36.68
CA ASP C 74 -47.55 -12.00 -37.81
C ASP C 74 -47.60 -11.27 -39.14
N LYS C 75 -48.36 -10.19 -39.21
CA LYS C 75 -48.46 -9.35 -40.40
C LYS C 75 -47.38 -8.28 -40.42
N LYS C 76 -46.48 -8.28 -39.44
CA LYS C 76 -45.40 -7.32 -39.36
C LYS C 76 -44.08 -8.03 -39.67
N LYS C 77 -43.04 -7.24 -39.91
CA LYS C 77 -41.78 -7.80 -40.38
C LYS C 77 -40.96 -8.47 -39.28
N VAL C 78 -41.15 -8.09 -38.02
CA VAL C 78 -40.28 -8.55 -36.95
C VAL C 78 -40.48 -10.05 -36.69
N LYS C 79 -39.37 -10.76 -36.47
CA LYS C 79 -39.42 -12.14 -36.00
C LYS C 79 -39.17 -12.16 -34.49
N THR C 80 -40.01 -12.89 -33.76
CA THR C 80 -39.93 -12.84 -32.31
C THR C 80 -39.25 -14.07 -31.74
N ILE C 81 -38.59 -13.86 -30.60
CA ILE C 81 -37.93 -14.92 -29.85
C ILE C 81 -38.39 -14.84 -28.41
N LYS C 82 -38.87 -15.95 -27.87
CA LYS C 82 -39.14 -16.08 -26.45
C LYS C 82 -37.91 -16.74 -25.83
N ALA C 83 -37.21 -15.99 -24.97
CA ALA C 83 -35.91 -16.45 -24.49
C ALA C 83 -36.00 -17.79 -23.75
N THR C 84 -37.06 -18.01 -22.97
CA THR C 84 -37.14 -19.24 -22.19
C THR C 84 -37.51 -20.47 -23.02
N GLY C 85 -37.93 -20.29 -24.27
CA GLY C 85 -38.23 -21.44 -25.11
C GLY C 85 -39.27 -22.36 -24.50
N ASP C 86 -38.98 -23.66 -24.47
CA ASP C 86 -39.88 -24.67 -23.92
C ASP C 86 -39.56 -25.04 -22.48
N MET C 87 -38.79 -24.21 -21.78
CA MET C 87 -38.47 -24.46 -20.38
C MET C 87 -39.75 -24.54 -19.54
N LEU C 88 -39.82 -25.55 -18.68
CA LEU C 88 -40.91 -25.69 -17.72
C LEU C 88 -40.74 -24.74 -16.54
N LEU C 89 -41.86 -24.18 -16.04
CA LEU C 89 -41.81 -23.14 -15.04
C LEU C 89 -42.48 -23.58 -13.74
N LEU C 90 -42.00 -23.04 -12.62
CA LEU C 90 -42.62 -23.20 -11.31
C LEU C 90 -43.95 -22.44 -11.22
N PRO C 91 -44.82 -22.80 -10.27
CA PRO C 91 -46.05 -22.03 -10.08
C PRO C 91 -45.74 -20.62 -9.62
N GLY C 92 -46.60 -19.69 -10.00
CA GLY C 92 -46.36 -18.30 -9.67
C GLY C 92 -46.62 -17.99 -8.21
N GLY C 93 -46.13 -16.82 -7.79
CA GLY C 93 -46.30 -16.35 -6.43
C GLY C 93 -47.75 -16.13 -6.05
N GLU C 110 -49.50 -16.81 -13.70
CA GLU C 110 -49.70 -18.19 -13.29
C GLU C 110 -48.37 -18.89 -12.96
N PHE C 111 -47.31 -18.55 -13.70
CA PHE C 111 -46.02 -19.17 -13.50
C PHE C 111 -44.99 -18.15 -13.05
N ASP C 112 -43.97 -18.63 -12.35
CA ASP C 112 -42.88 -17.80 -11.89
C ASP C 112 -41.92 -17.58 -13.05
N PRO C 113 -41.70 -16.34 -13.49
CA PRO C 113 -40.84 -16.10 -14.66
C PRO C 113 -39.35 -15.95 -14.37
N HIS C 114 -38.94 -15.91 -13.10
CA HIS C 114 -37.59 -15.46 -12.73
C HIS C 114 -36.47 -16.49 -12.95
N VAL C 115 -36.43 -17.14 -14.13
CA VAL C 115 -35.49 -18.22 -14.34
C VAL C 115 -34.04 -17.72 -14.45
N TRP C 116 -33.83 -16.45 -14.77
CA TRP C 116 -32.47 -16.00 -15.06
C TRP C 116 -31.62 -15.82 -13.80
N LEU C 117 -32.21 -15.96 -12.61
CA LEU C 117 -31.40 -15.84 -11.39
C LEU C 117 -30.70 -17.14 -11.03
N SER C 118 -30.91 -18.20 -11.82
CA SER C 118 -30.16 -19.44 -11.69
C SER C 118 -29.16 -19.50 -12.83
N PRO C 119 -27.84 -19.49 -12.58
CA PRO C 119 -26.91 -19.47 -13.73
C PRO C 119 -27.12 -20.63 -14.69
N VAL C 120 -27.51 -21.81 -14.19
CA VAL C 120 -27.64 -22.94 -15.09
C VAL C 120 -28.82 -22.75 -16.05
N ARG C 121 -29.87 -22.01 -15.63
CA ARG C 121 -30.95 -21.70 -16.56
C ARG C 121 -30.57 -20.55 -17.48
N ALA C 122 -29.74 -19.63 -17.01
CA ALA C 122 -29.27 -18.58 -17.89
C ALA C 122 -28.59 -19.19 -19.13
N ILE C 123 -27.88 -20.30 -18.95
CA ILE C 123 -27.23 -20.96 -20.08
C ILE C 123 -28.26 -21.40 -21.11
N LYS C 124 -29.39 -21.95 -20.64
CA LYS C 124 -30.44 -22.42 -21.53
C LYS C 124 -31.05 -21.28 -22.32
N LEU C 125 -31.23 -20.12 -21.68
CA LEU C 125 -31.74 -18.94 -22.38
C LEU C 125 -30.77 -18.49 -23.46
N VAL C 126 -29.47 -18.48 -23.14
CA VAL C 126 -28.46 -18.13 -24.15
C VAL C 126 -28.49 -19.12 -25.30
N GLU C 127 -28.56 -20.44 -25.00
CA GLU C 127 -28.60 -21.45 -26.06
C GLU C 127 -29.85 -21.31 -26.92
N HIS C 128 -31.01 -21.02 -26.31
CA HIS C 128 -32.21 -20.90 -27.12
C HIS C 128 -32.17 -19.66 -28.01
N ILE C 129 -31.67 -18.53 -27.49
CA ILE C 129 -31.56 -17.33 -28.32
C ILE C 129 -30.59 -17.58 -29.47
N ARG C 130 -29.48 -18.27 -29.20
CA ARG C 130 -28.53 -18.62 -30.25
C ARG C 130 -29.20 -19.47 -31.32
N ASP C 131 -29.93 -20.50 -30.90
CA ASP C 131 -30.55 -21.39 -31.89
C ASP C 131 -31.66 -20.69 -32.65
N SER C 132 -32.38 -19.76 -32.01
CA SER C 132 -33.42 -19.02 -32.71
C SER C 132 -32.83 -18.02 -33.69
N LEU C 133 -31.79 -17.28 -33.27
CA LEU C 133 -31.14 -16.33 -34.20
C LEU C 133 -30.53 -17.06 -35.39
N SER C 134 -29.97 -18.24 -35.16
CA SER C 134 -29.35 -19.02 -36.24
C SER C 134 -30.38 -19.48 -37.26
N ALA C 135 -31.58 -19.86 -36.80
CA ALA C 135 -32.61 -20.29 -37.72
C ALA C 135 -33.18 -19.12 -38.50
N ASP C 136 -33.17 -17.92 -37.92
CA ASP C 136 -33.74 -16.75 -38.59
C ASP C 136 -32.76 -16.07 -39.52
N TYR C 137 -31.46 -16.19 -39.26
CA TYR C 137 -30.41 -15.56 -40.04
C TYR C 137 -29.32 -16.59 -40.29
N PRO C 138 -29.60 -17.58 -41.16
CA PRO C 138 -28.67 -18.71 -41.32
C PRO C 138 -27.27 -18.30 -41.74
N ASP C 139 -27.12 -17.19 -42.46
CA ASP C 139 -25.81 -16.78 -42.93
C ASP C 139 -24.93 -16.25 -41.81
N LYS C 140 -25.48 -16.00 -40.62
CA LYS C 140 -24.72 -15.55 -39.47
C LYS C 140 -24.56 -16.64 -38.43
N LYS C 141 -24.95 -17.87 -38.75
CA LYS C 141 -25.01 -18.95 -37.78
C LYS C 141 -23.67 -19.15 -37.08
N GLU C 142 -22.57 -19.04 -37.83
CA GLU C 142 -21.30 -19.34 -37.18
C GLU C 142 -20.87 -18.23 -36.23
N THR C 143 -21.24 -16.98 -36.51
CA THR C 143 -20.95 -15.92 -35.55
C THR C 143 -21.78 -16.07 -34.28
N PHE C 144 -23.08 -16.34 -34.40
CA PHE C 144 -23.92 -16.57 -33.23
C PHE C 144 -23.37 -17.71 -32.37
N GLU C 145 -22.97 -18.80 -32.99
CA GLU C 145 -22.56 -19.96 -32.22
C GLU C 145 -21.23 -19.72 -31.50
N LYS C 146 -20.34 -18.96 -32.12
CA LYS C 146 -19.06 -18.65 -31.48
C LYS C 146 -19.21 -17.61 -30.38
N ASN C 147 -20.01 -16.57 -30.60
CA ASN C 147 -20.26 -15.62 -29.53
C ASN C 147 -20.95 -16.30 -28.36
N ALA C 148 -21.94 -17.15 -28.64
CA ALA C 148 -22.66 -17.81 -27.57
C ALA C 148 -21.74 -18.73 -26.79
N ALA C 149 -20.87 -19.46 -27.50
CA ALA C 149 -20.01 -20.41 -26.82
C ALA C 149 -19.06 -19.72 -25.85
N ALA C 150 -18.56 -18.53 -26.23
CA ALA C 150 -17.67 -17.80 -25.34
C ALA C 150 -18.39 -17.31 -24.10
N TYR C 151 -19.61 -16.81 -24.25
CA TYR C 151 -20.36 -16.33 -23.10
C TYR C 151 -20.82 -17.50 -22.23
N ILE C 152 -21.24 -18.60 -22.86
CA ILE C 152 -21.65 -19.79 -22.10
C ILE C 152 -20.50 -20.28 -21.22
N GLU C 153 -19.25 -20.15 -21.69
CA GLU C 153 -18.11 -20.54 -20.85
C GLU C 153 -18.05 -19.69 -19.58
N LYS C 154 -18.30 -18.39 -19.69
CA LYS C 154 -18.33 -17.56 -18.49
C LYS C 154 -19.51 -17.94 -17.60
N LEU C 155 -20.66 -18.28 -18.20
CA LEU C 155 -21.80 -18.69 -17.38
C LEU C 155 -21.54 -20.02 -16.68
N GLN C 156 -20.77 -20.90 -17.31
CA GLN C 156 -20.41 -22.17 -16.67
C GLN C 156 -19.53 -21.94 -15.45
N SER C 157 -18.58 -21.01 -15.54
CA SER C 157 -17.79 -20.65 -14.36
C SER C 157 -18.67 -20.06 -13.28
N LEU C 158 -19.69 -19.28 -13.65
CA LEU C 158 -20.62 -18.76 -12.65
C LEU C 158 -21.44 -19.87 -12.01
N ASP C 159 -21.94 -20.80 -12.82
CA ASP C 159 -22.66 -21.95 -12.28
C ASP C 159 -21.79 -22.71 -11.29
N LYS C 160 -20.52 -22.93 -11.63
CA LYS C 160 -19.66 -23.68 -10.71
C LYS C 160 -19.45 -22.91 -9.41
N ALA C 161 -19.31 -21.59 -9.47
CA ALA C 161 -19.16 -20.83 -8.24
C ALA C 161 -20.40 -20.96 -7.35
N TYR C 162 -21.59 -20.89 -7.95
CA TYR C 162 -22.84 -21.06 -7.20
C TYR C 162 -22.93 -22.46 -6.59
N ALA C 163 -22.62 -23.50 -7.38
CA ALA C 163 -22.73 -24.87 -6.88
C ALA C 163 -21.73 -25.11 -5.76
N GLU C 164 -20.48 -24.68 -5.96
CA GLU C 164 -19.46 -24.81 -4.92
C GLU C 164 -19.83 -24.00 -3.69
N GLY C 165 -20.33 -22.78 -3.89
CA GLY C 165 -20.62 -21.90 -2.77
C GLY C 165 -21.90 -22.18 -2.02
N LEU C 166 -22.85 -22.88 -2.65
CA LEU C 166 -24.13 -23.09 -1.98
C LEU C 166 -24.45 -24.53 -1.63
N SER C 167 -23.76 -25.50 -2.22
CA SER C 167 -24.14 -26.89 -2.02
C SER C 167 -23.89 -27.35 -0.59
N GLN C 168 -22.93 -26.73 0.09
CA GLN C 168 -22.62 -27.08 1.47
C GLN C 168 -23.24 -26.11 2.47
N ALA C 169 -24.31 -25.42 2.08
CA ALA C 169 -24.97 -24.44 2.94
C ALA C 169 -25.38 -25.05 4.27
N LYS C 170 -25.08 -24.32 5.36
CA LYS C 170 -25.53 -24.73 6.68
C LYS C 170 -26.93 -24.22 6.98
N GLN C 171 -27.27 -23.05 6.45
CA GLN C 171 -28.58 -22.43 6.62
C GLN C 171 -29.23 -22.41 5.25
N LYS C 172 -30.30 -23.17 5.07
CA LYS C 172 -30.88 -23.34 3.73
C LYS C 172 -31.89 -22.27 3.35
N SER C 173 -32.45 -21.55 4.32
CA SER C 173 -33.52 -20.60 4.05
C SER C 173 -32.98 -19.18 4.01
N PHE C 174 -33.47 -18.38 3.05
CA PHE C 174 -33.09 -16.99 2.95
C PHE C 174 -34.35 -16.13 2.72
N VAL C 175 -34.33 -14.93 3.27
CA VAL C 175 -35.50 -14.06 3.32
C VAL C 175 -35.25 -12.89 2.37
N THR C 176 -36.18 -12.70 1.42
CA THR C 176 -36.05 -11.72 0.36
C THR C 176 -37.31 -10.87 0.26
N GLN C 177 -37.12 -9.59 -0.04
CA GLN C 177 -38.26 -8.73 -0.25
C GLN C 177 -38.83 -8.84 -1.67
N HIS C 178 -38.03 -9.26 -2.65
CA HIS C 178 -38.50 -9.50 -4.01
C HIS C 178 -38.31 -10.98 -4.34
N ALA C 179 -39.41 -11.66 -4.62
CA ALA C 179 -39.44 -13.13 -4.74
C ALA C 179 -38.97 -13.59 -6.11
N ALA C 180 -37.71 -13.25 -6.44
CA ALA C 180 -37.11 -13.54 -7.72
C ALA C 180 -36.19 -14.76 -7.68
N PHE C 181 -36.12 -15.45 -6.54
CA PHE C 181 -35.02 -16.39 -6.34
C PHE C 181 -35.51 -17.82 -6.14
N ASN C 182 -36.70 -18.14 -6.64
CA ASN C 182 -37.22 -19.49 -6.51
C ASN C 182 -36.49 -20.50 -7.40
N TYR C 183 -35.99 -20.07 -8.56
CA TYR C 183 -35.23 -21.01 -9.38
C TYR C 183 -33.82 -21.18 -8.87
N LEU C 184 -33.23 -20.10 -8.34
CA LEU C 184 -32.00 -20.22 -7.58
C LEU C 184 -32.17 -21.23 -6.44
N ALA C 185 -33.25 -21.10 -5.67
CA ALA C 185 -33.51 -22.02 -4.56
C ALA C 185 -33.70 -23.46 -5.05
N LEU C 186 -34.50 -23.63 -6.10
CA LEU C 186 -34.74 -24.96 -6.66
C LEU C 186 -33.44 -25.59 -7.15
N ASP C 187 -32.70 -24.86 -7.98
CA ASP C 187 -31.56 -25.46 -8.65
C ASP C 187 -30.37 -25.66 -7.73
N TYR C 188 -30.22 -24.88 -6.67
CA TYR C 188 -29.06 -25.02 -5.79
C TYR C 188 -29.41 -25.51 -4.39
N GLY C 189 -30.65 -25.98 -4.17
CA GLY C 189 -30.97 -26.68 -2.94
C GLY C 189 -31.24 -25.77 -1.76
N LEU C 190 -31.80 -24.58 -2.00
CA LEU C 190 -32.13 -23.63 -0.95
C LEU C 190 -33.65 -23.49 -0.84
N LYS C 191 -34.07 -22.62 0.09
CA LYS C 191 -35.48 -22.30 0.34
C LYS C 191 -35.66 -20.79 0.34
N GLN C 192 -36.36 -20.25 -0.65
CA GLN C 192 -36.65 -18.82 -0.65
C GLN C 192 -37.87 -18.57 0.24
N VAL C 193 -37.74 -17.64 1.17
CA VAL C 193 -38.86 -17.14 1.95
C VAL C 193 -39.08 -15.68 1.54
N ALA C 194 -40.21 -15.40 0.92
CA ALA C 194 -40.54 -14.06 0.46
C ALA C 194 -41.34 -13.32 1.51
N ILE C 195 -41.06 -12.04 1.66
CA ILE C 195 -41.77 -11.19 2.59
C ILE C 195 -42.38 -10.04 1.79
N SER C 196 -43.67 -9.81 2.00
CA SER C 196 -44.36 -8.73 1.33
C SER C 196 -44.57 -7.57 2.30
N GLY C 197 -44.96 -6.42 1.76
CA GLY C 197 -45.18 -5.27 2.60
C GLY C 197 -43.93 -4.56 3.06
N LEU C 198 -42.76 -4.91 2.49
CA LEU C 198 -41.53 -4.16 2.69
C LEU C 198 -41.03 -3.68 1.34
N SER C 199 -40.52 -2.46 1.33
CA SER C 199 -39.88 -1.83 0.21
C SER C 199 -38.52 -1.36 0.68
N PRO C 200 -37.52 -1.26 -0.22
CA PRO C 200 -36.20 -0.78 0.24
C PRO C 200 -36.26 0.59 0.90
N ASP C 201 -37.29 1.36 0.62
CA ASP C 201 -37.41 2.75 1.03
C ASP C 201 -38.53 2.99 2.02
N ALA C 202 -39.35 1.99 2.33
CA ALA C 202 -40.56 2.26 3.08
C ALA C 202 -40.32 2.31 4.58
N GLU C 203 -41.24 2.97 5.27
CA GLU C 203 -41.26 3.05 6.73
C GLU C 203 -42.39 2.17 7.23
N PRO C 204 -42.11 0.95 7.68
CA PRO C 204 -43.20 0.06 8.09
C PRO C 204 -43.93 0.57 9.31
N SER C 205 -45.21 0.21 9.40
CA SER C 205 -45.98 0.56 10.57
C SER C 205 -45.42 -0.14 11.80
N ALA C 206 -45.81 0.36 12.97
CA ALA C 206 -45.43 -0.31 14.21
C ALA C 206 -45.92 -1.76 14.22
N ALA C 207 -47.16 -1.99 13.74
CA ALA C 207 -47.70 -3.34 13.70
C ALA C 207 -46.93 -4.20 12.71
N ARG C 208 -46.58 -3.62 11.56
CA ARG C 208 -45.78 -4.30 10.54
C ARG C 208 -44.42 -4.70 11.10
N LEU C 209 -43.77 -3.77 11.80
CA LEU C 209 -42.49 -4.02 12.43
C LEU C 209 -42.58 -5.14 13.45
N ALA C 210 -43.71 -5.21 14.16
CA ALA C 210 -43.86 -6.21 15.21
C ALA C 210 -43.91 -7.63 14.62
N GLU C 211 -44.65 -7.82 13.51
CA GLU C 211 -44.64 -9.12 12.86
C GLU C 211 -43.23 -9.54 12.49
N LEU C 212 -42.49 -8.63 11.87
CA LEU C 212 -41.16 -8.97 11.39
C LEU C 212 -40.23 -9.29 12.54
N THR C 213 -40.33 -8.53 13.64
CA THR C 213 -39.50 -8.77 14.80
C THR C 213 -39.73 -10.17 15.35
N GLU C 214 -41.00 -10.56 15.50
CA GLU C 214 -41.32 -11.91 15.99
C GLU C 214 -40.82 -12.99 15.04
N TYR C 215 -41.02 -12.79 13.73
CA TYR C 215 -40.55 -13.76 12.75
C TYR C 215 -39.02 -13.92 12.83
N VAL C 216 -38.32 -12.79 12.83
CA VAL C 216 -36.86 -12.79 12.88
C VAL C 216 -36.36 -13.52 14.12
N LYS C 217 -37.02 -13.27 15.25
CA LYS C 217 -36.55 -13.87 16.50
C LYS C 217 -36.74 -15.39 16.49
N LYS C 218 -37.95 -15.86 16.16
CA LYS C 218 -38.28 -17.27 16.28
C LYS C 218 -37.75 -18.12 15.14
N ASN C 219 -37.30 -17.52 14.04
CA ASN C 219 -36.69 -18.27 12.95
C ASN C 219 -35.20 -18.01 12.84
N LYS C 220 -34.63 -17.22 13.75
CA LYS C 220 -33.19 -16.92 13.75
C LYS C 220 -32.74 -16.35 12.41
N ILE C 221 -33.49 -15.41 11.87
CA ILE C 221 -33.13 -14.76 10.61
C ILE C 221 -31.99 -13.78 10.85
N ALA C 222 -30.93 -13.91 10.08
CA ALA C 222 -29.80 -12.98 10.19
C ALA C 222 -29.89 -11.80 9.23
N TYR C 223 -30.48 -11.99 8.04
CA TYR C 223 -30.53 -10.95 7.02
C TYR C 223 -31.90 -10.92 6.37
N ILE C 224 -32.31 -9.72 5.99
CA ILE C 224 -33.39 -9.57 5.02
C ILE C 224 -32.77 -8.97 3.76
N TYR C 225 -32.98 -9.64 2.64
CA TYR C 225 -32.43 -9.18 1.38
C TYR C 225 -33.45 -8.33 0.62
N PHE C 226 -32.99 -7.21 0.07
CA PHE C 226 -33.80 -6.30 -0.70
C PHE C 226 -33.27 -6.24 -2.14
N GLU C 227 -34.15 -5.83 -3.06
CA GLU C 227 -33.78 -5.77 -4.49
C GLU C 227 -32.79 -4.66 -4.77
N GLU C 228 -32.71 -3.66 -3.90
CA GLU C 228 -31.69 -2.62 -3.92
C GLU C 228 -31.45 -2.21 -2.47
N ASN C 229 -30.42 -1.41 -2.26
CA ASN C 229 -30.06 -0.99 -0.91
C ASN C 229 -31.26 -0.42 -0.18
N ALA C 230 -31.51 -0.96 1.01
CA ALA C 230 -32.52 -0.37 1.89
C ALA C 230 -32.11 1.04 2.26
N SER C 231 -33.11 1.89 2.48
CA SER C 231 -32.82 3.24 2.93
C SER C 231 -32.12 3.16 4.28
N GLN C 232 -31.32 4.18 4.57
CA GLN C 232 -30.60 4.15 5.84
C GLN C 232 -31.58 4.18 7.01
N ALA C 233 -32.73 4.83 6.83
CA ALA C 233 -33.77 4.83 7.85
C ALA C 233 -34.31 3.41 8.08
N LEU C 234 -34.62 2.70 7.00
CA LEU C 234 -35.17 1.36 7.16
C LEU C 234 -34.15 0.41 7.77
N ALA C 235 -32.89 0.49 7.32
CA ALA C 235 -31.84 -0.36 7.88
C ALA C 235 -31.67 -0.08 9.38
N ASN C 236 -31.73 1.20 9.76
CA ASN C 236 -31.64 1.55 11.19
C ASN C 236 -32.78 0.92 11.97
N THR C 237 -34.00 1.06 11.45
CA THR C 237 -35.18 0.47 12.11
C THR C 237 -35.09 -1.05 12.20
N LEU C 238 -34.66 -1.72 11.12
CA LEU C 238 -34.59 -3.18 11.18
C LEU C 238 -33.52 -3.67 12.16
N SER C 239 -32.37 -3.00 12.21
CA SER C 239 -31.36 -3.38 13.17
C SER C 239 -31.83 -3.14 14.60
N LYS C 240 -32.36 -1.95 14.87
CA LYS C 240 -32.62 -1.56 16.25
C LYS C 240 -33.90 -2.22 16.79
N GLU C 241 -34.96 -2.28 15.99
CA GLU C 241 -36.20 -2.89 16.45
C GLU C 241 -36.29 -4.39 16.14
N ALA C 242 -35.88 -4.82 14.96
CA ALA C 242 -36.06 -6.22 14.61
C ALA C 242 -34.83 -7.07 14.83
N GLY C 243 -33.68 -6.45 15.08
CA GLY C 243 -32.42 -7.17 15.28
C GLY C 243 -31.97 -7.97 14.08
N VAL C 244 -32.11 -7.43 12.88
CA VAL C 244 -31.74 -8.12 11.64
C VAL C 244 -30.97 -7.16 10.76
N LYS C 245 -29.99 -7.68 10.04
CA LYS C 245 -29.23 -6.88 9.09
C LYS C 245 -29.91 -6.90 7.72
N THR C 246 -29.47 -6.00 6.85
CA THR C 246 -30.00 -5.94 5.49
C THR C 246 -28.86 -6.06 4.49
N ASP C 247 -29.20 -6.60 3.33
CA ASP C 247 -28.27 -6.64 2.20
C ASP C 247 -29.10 -6.73 0.93
N VAL C 248 -28.42 -6.90 -0.20
CA VAL C 248 -29.05 -6.81 -1.50
C VAL C 248 -28.97 -8.15 -2.19
N LEU C 249 -30.10 -8.64 -2.66
CA LEU C 249 -30.17 -9.69 -3.70
C LEU C 249 -30.84 -9.03 -4.89
N ASN C 250 -30.06 -8.70 -5.90
CA ASN C 250 -30.57 -7.92 -7.03
C ASN C 250 -31.29 -8.86 -7.98
N PRO C 251 -32.58 -8.64 -8.26
CA PRO C 251 -33.28 -9.54 -9.20
C PRO C 251 -32.88 -9.32 -10.64
N LEU C 252 -31.97 -8.37 -10.90
CA LEU C 252 -31.45 -8.12 -12.24
C LEU C 252 -32.56 -7.83 -13.24
N GLU C 253 -33.57 -7.09 -12.81
CA GLU C 253 -34.63 -6.70 -13.72
C GLU C 253 -34.36 -5.35 -14.35
N SER C 254 -33.68 -4.46 -13.65
CA SER C 254 -33.14 -3.27 -14.29
C SER C 254 -32.00 -2.74 -13.46
N LEU C 255 -30.88 -2.46 -14.12
CA LEU C 255 -29.76 -1.87 -13.42
C LEU C 255 -30.07 -0.43 -13.05
N THR C 256 -29.60 -0.01 -11.88
CA THR C 256 -29.59 1.40 -11.58
C THR C 256 -28.62 2.07 -12.55
N GLU C 257 -28.86 3.35 -12.86
CA GLU C 257 -28.02 3.98 -13.87
C GLU C 257 -26.59 4.15 -13.39
N GLU C 258 -26.38 4.26 -12.08
CA GLU C 258 -25.03 4.24 -11.55
C GLU C 258 -24.35 2.90 -11.85
N ASP C 259 -25.02 1.77 -11.55
CA ASP C 259 -24.46 0.46 -11.87
C ASP C 259 -24.11 0.37 -13.35
N THR C 260 -24.97 0.94 -14.21
CA THR C 260 -24.69 0.96 -15.64
C THR C 260 -23.46 1.78 -15.94
N LYS C 261 -23.25 2.88 -15.23
CA LYS C 261 -22.06 3.71 -15.44
C LYS C 261 -20.80 2.98 -14.99
N ALA C 262 -20.90 2.19 -13.92
CA ALA C 262 -19.78 1.43 -13.38
C ALA C 262 -19.47 0.16 -14.18
N GLY C 263 -20.27 -0.15 -15.21
CA GLY C 263 -20.01 -1.32 -16.00
C GLY C 263 -20.41 -2.64 -15.38
N GLU C 264 -21.31 -2.62 -14.40
CA GLU C 264 -21.85 -3.87 -13.89
C GLU C 264 -22.63 -4.58 -14.97
N ASN C 265 -22.60 -5.91 -14.95
CA ASN C 265 -23.32 -6.68 -15.92
C ASN C 265 -23.94 -7.89 -15.24
N TYR C 266 -24.61 -8.73 -16.02
CA TYR C 266 -25.29 -9.89 -15.43
C TYR C 266 -24.34 -10.69 -14.56
N ILE C 267 -23.14 -10.97 -15.06
CA ILE C 267 -22.26 -11.84 -14.31
C ILE C 267 -21.75 -11.16 -13.04
N SER C 268 -21.33 -9.89 -13.12
CA SER C 268 -20.78 -9.27 -11.92
C SER C 268 -21.84 -9.12 -10.83
N VAL C 269 -23.08 -8.80 -11.21
CA VAL C 269 -24.16 -8.70 -10.22
C VAL C 269 -24.50 -10.07 -9.64
N MET C 270 -24.52 -11.11 -10.48
CA MET C 270 -24.75 -12.45 -9.96
C MET C 270 -23.65 -12.83 -8.98
N GLU C 271 -22.42 -12.38 -9.24
CA GLU C 271 -21.36 -12.67 -8.27
C GLU C 271 -21.60 -11.90 -6.98
N LYS C 272 -22.09 -10.65 -7.07
CA LYS C 272 -22.45 -9.91 -5.87
C LYS C 272 -23.61 -10.58 -5.11
N ASN C 273 -24.60 -11.11 -5.84
CA ASN C 273 -25.70 -11.83 -5.19
C ASN C 273 -25.20 -13.05 -4.42
N LEU C 274 -24.30 -13.82 -5.02
CA LEU C 274 -23.78 -15.02 -4.38
C LEU C 274 -23.08 -14.67 -3.06
N LYS C 275 -22.24 -13.63 -3.09
CA LYS C 275 -21.53 -13.20 -1.89
C LYS C 275 -22.51 -12.75 -0.80
N ALA C 276 -23.56 -12.01 -1.18
CA ALA C 276 -24.54 -11.59 -0.18
C ALA C 276 -25.31 -12.78 0.38
N LEU C 277 -25.72 -13.69 -0.51
CA LEU C 277 -26.48 -14.86 -0.09
C LEU C 277 -25.67 -15.76 0.86
N LYS C 278 -24.37 -15.91 0.62
CA LYS C 278 -23.54 -16.75 1.49
C LYS C 278 -23.41 -16.20 2.92
N GLN C 279 -23.60 -14.89 3.11
CA GLN C 279 -23.65 -14.36 4.48
C GLN C 279 -24.76 -15.02 5.29
N THR C 280 -25.85 -15.44 4.64
CA THR C 280 -26.85 -16.25 5.34
C THR C 280 -26.50 -17.74 5.27
N THR C 281 -26.26 -18.26 4.06
CA THR C 281 -26.25 -19.72 3.91
C THR C 281 -25.04 -20.37 4.58
N ASP C 282 -23.92 -19.64 4.70
CA ASP C 282 -22.75 -20.20 5.38
C ASP C 282 -22.83 -20.13 6.90
N GLN C 283 -23.87 -19.50 7.45
CA GLN C 283 -24.00 -19.29 8.91
C GLN C 283 -22.81 -18.48 9.43
N GLY D 1 36.81 -2.98 22.88
CA GLY D 1 37.07 -3.92 21.80
C GLY D 1 37.15 -3.27 20.42
N LYS D 2 36.45 -3.87 19.46
CA LYS D 2 36.44 -3.37 18.09
C LYS D 2 35.46 -2.20 17.99
N LEU D 3 35.88 -1.13 17.33
CA LEU D 3 35.00 0.02 17.12
C LEU D 3 33.82 -0.36 16.23
N ASN D 4 32.69 0.27 16.49
CA ASN D 4 31.52 0.16 15.63
C ASN D 4 31.41 1.46 14.84
N ILE D 5 31.68 1.39 13.54
CA ILE D 5 31.68 2.54 12.65
C ILE D 5 30.56 2.38 11.64
N VAL D 6 29.79 3.44 11.45
CA VAL D 6 28.73 3.47 10.45
C VAL D 6 29.15 4.46 9.37
N THR D 7 29.18 4.00 8.14
CA THR D 7 29.47 4.88 7.01
C THR D 7 28.23 4.95 6.13
N THR D 8 28.17 5.98 5.30
CA THR D 8 26.97 6.17 4.48
C THR D 8 26.97 5.31 3.23
N PHE D 9 27.74 5.68 2.20
CA PHE D 9 27.68 4.92 0.95
C PHE D 9 29.09 4.51 0.53
N TYR D 10 29.15 3.78 -0.59
CA TYR D 10 30.28 2.86 -0.83
C TYR D 10 31.68 3.45 -0.69
N PRO D 11 32.05 4.56 -1.35
CA PRO D 11 33.44 5.05 -1.21
C PRO D 11 33.79 5.42 0.22
N VAL D 12 32.84 6.02 0.94
CA VAL D 12 33.05 6.31 2.35
C VAL D 12 33.27 5.03 3.12
N TYR D 13 32.48 3.99 2.82
CA TYR D 13 32.66 2.70 3.46
C TYR D 13 34.03 2.12 3.14
N GLU D 14 34.40 2.10 1.87
CA GLU D 14 35.65 1.46 1.45
C GLU D 14 36.86 2.19 2.05
N PHE D 15 36.90 3.52 1.94
CA PHE D 15 38.01 4.28 2.47
C PHE D 15 38.13 4.11 3.99
N THR D 16 37.00 4.09 4.68
CA THR D 16 37.02 3.92 6.13
C THR D 16 37.52 2.52 6.50
N LYS D 17 37.05 1.49 5.79
CA LYS D 17 37.49 0.14 6.08
C LYS D 17 38.96 -0.05 5.75
N GLN D 18 39.46 0.58 4.69
CA GLN D 18 40.87 0.48 4.38
C GLN D 18 41.72 1.06 5.50
N VAL D 19 41.25 2.12 6.14
CA VAL D 19 42.02 2.74 7.21
C VAL D 19 41.83 1.97 8.51
N ALA D 20 40.58 1.69 8.89
CA ALA D 20 40.31 1.06 10.19
C ALA D 20 40.72 -0.40 10.21
N GLY D 21 40.50 -1.12 9.10
CA GLY D 21 40.91 -2.50 9.05
C GLY D 21 40.30 -3.31 10.16
N ASP D 22 41.15 -4.07 10.84
CA ASP D 22 40.74 -5.03 11.86
C ASP D 22 40.40 -4.38 13.20
N THR D 23 40.62 -3.06 13.34
CA THR D 23 40.23 -2.33 14.54
C THR D 23 38.73 -2.05 14.62
N ALA D 24 37.93 -2.41 13.62
CA ALA D 24 36.56 -1.91 13.59
C ALA D 24 35.66 -2.81 12.77
N ASN D 25 34.39 -2.88 13.17
CA ASN D 25 33.32 -3.36 12.32
C ASN D 25 32.71 -2.15 11.62
N VAL D 26 32.89 -2.08 10.30
CA VAL D 26 32.42 -0.95 9.51
C VAL D 26 31.14 -1.37 8.81
N GLU D 27 30.08 -0.63 9.05
CA GLU D 27 28.77 -0.87 8.49
C GLU D 27 28.49 0.10 7.34
N LEU D 28 27.88 -0.42 6.27
CA LEU D 28 27.48 0.35 5.09
C LEU D 28 26.00 0.64 5.22
N LEU D 29 25.65 1.91 5.38
CA LEU D 29 24.28 2.31 5.64
C LEU D 29 23.42 2.26 4.38
N ILE D 30 23.96 2.73 3.27
CA ILE D 30 23.26 2.84 2.00
C ILE D 30 23.80 1.75 1.10
N GLY D 31 23.08 0.64 1.03
CA GLY D 31 23.61 -0.59 0.47
C GLY D 31 23.44 -0.67 -1.03
N ALA D 32 23.58 -1.90 -1.53
CA ALA D 32 23.47 -2.14 -2.96
C ALA D 32 22.03 -1.90 -3.43
N GLY D 33 21.92 -1.35 -4.64
CA GLY D 33 20.63 -1.13 -5.26
C GLY D 33 19.76 -0.08 -4.61
N THR D 34 20.37 0.90 -3.94
CA THR D 34 19.62 2.04 -3.42
C THR D 34 20.46 3.29 -3.65
N GLU D 35 19.81 4.32 -4.18
CA GLU D 35 20.42 5.57 -4.64
C GLU D 35 20.84 6.46 -3.49
N PRO D 36 22.16 6.67 -3.32
CA PRO D 36 22.61 7.57 -2.24
C PRO D 36 22.14 9.02 -2.39
N HIS D 37 21.90 9.50 -3.61
CA HIS D 37 21.41 10.87 -3.79
C HIS D 37 20.02 11.08 -3.19
N GLU D 38 19.19 10.02 -3.13
CA GLU D 38 17.82 10.10 -2.66
C GLU D 38 17.60 9.48 -1.28
N TYR D 39 18.57 8.76 -0.75
CA TYR D 39 18.40 8.04 0.51
C TYR D 39 18.07 9.00 1.65
N GLU D 40 17.15 8.55 2.52
CA GLU D 40 16.89 9.15 3.82
C GLU D 40 16.86 8.05 4.87
N PRO D 41 17.50 8.27 6.01
CA PRO D 41 17.62 7.19 7.01
C PRO D 41 16.29 6.94 7.69
N SER D 42 16.01 5.67 7.96
CA SER D 42 14.85 5.32 8.76
C SER D 42 15.12 5.59 10.24
N ALA D 43 14.08 5.43 11.05
CA ALA D 43 14.24 5.63 12.49
C ALA D 43 15.29 4.68 13.06
N LYS D 44 15.29 3.43 12.60
CA LYS D 44 16.30 2.49 13.06
C LYS D 44 17.69 2.90 12.60
N ALA D 45 17.80 3.38 11.35
CA ALA D 45 19.08 3.85 10.83
C ALA D 45 19.61 5.01 11.65
N VAL D 46 18.74 5.95 12.00
CA VAL D 46 19.17 7.09 12.81
C VAL D 46 19.68 6.61 14.17
N ALA D 47 18.91 5.73 14.83
CA ALA D 47 19.33 5.19 16.13
C ALA D 47 20.64 4.43 16.01
N LYS D 48 20.77 3.64 14.96
CA LYS D 48 22.03 2.96 14.68
C LYS D 48 23.19 3.94 14.54
N ILE D 49 22.98 5.07 13.85
CA ILE D 49 24.03 6.08 13.77
C ILE D 49 24.35 6.61 15.16
N GLN D 50 23.32 6.86 15.95
CA GLN D 50 23.52 7.50 17.24
C GLN D 50 24.29 6.60 18.19
N ASP D 51 24.11 5.28 18.08
CA ASP D 51 24.79 4.32 18.95
C ASP D 51 26.19 3.95 18.50
N ALA D 52 26.62 4.41 17.33
CA ALA D 52 27.93 3.98 16.84
C ALA D 52 29.04 4.67 17.63
N ASP D 53 30.25 4.13 17.50
CA ASP D 53 31.41 4.86 17.99
C ASP D 53 31.75 6.02 17.06
N THR D 54 31.75 5.77 15.76
CA THR D 54 32.06 6.78 14.76
C THR D 54 31.06 6.69 13.61
N PHE D 55 30.70 7.86 13.08
CA PHE D 55 29.84 7.98 11.91
C PHE D 55 30.60 8.78 10.85
N VAL D 56 30.76 8.20 9.66
CA VAL D 56 31.46 8.86 8.57
C VAL D 56 30.47 9.08 7.42
N TYR D 57 30.36 10.32 6.97
CA TYR D 57 29.66 10.67 5.74
C TYR D 57 30.63 11.43 4.84
N GLU D 58 30.24 11.55 3.57
CA GLU D 58 31.13 12.17 2.59
C GLU D 58 31.11 13.69 2.68
N ASN D 59 29.92 14.29 2.57
CA ASN D 59 29.80 15.74 2.47
C ASN D 59 28.33 16.10 2.50
N GLU D 60 28.00 17.22 3.15
CA GLU D 60 26.59 17.60 3.27
C GLU D 60 25.94 17.88 1.92
N ASN D 61 26.72 18.19 0.88
CA ASN D 61 26.16 18.37 -0.46
C ASN D 61 25.84 17.06 -1.15
N MET D 62 26.19 15.93 -0.54
CA MET D 62 25.81 14.61 -1.05
C MET D 62 24.68 14.03 -0.17
N GLU D 63 24.98 13.74 1.10
CA GLU D 63 23.98 13.30 2.08
C GLU D 63 23.34 14.53 2.71
N THR D 64 22.34 15.10 2.02
CA THR D 64 21.79 16.38 2.46
C THR D 64 20.99 16.28 3.75
N TRP D 65 20.72 15.07 4.23
CA TRP D 65 20.03 14.85 5.49
C TRP D 65 20.95 14.92 6.70
N VAL D 66 22.26 14.92 6.48
CA VAL D 66 23.22 14.86 7.59
C VAL D 66 23.17 16.12 8.46
N PRO D 67 23.09 17.33 7.91
CA PRO D 67 23.06 18.52 8.80
C PRO D 67 21.98 18.48 9.87
N LYS D 68 20.74 18.15 9.50
CA LYS D 68 19.68 18.05 10.50
C LYS D 68 20.04 17.03 11.57
N LEU D 69 20.69 15.93 11.16
CA LEU D 69 20.98 14.89 12.13
C LEU D 69 22.12 15.27 13.06
N LEU D 70 23.13 16.01 12.57
CA LEU D 70 24.27 16.34 13.41
C LEU D 70 23.83 17.14 14.62
N ASP D 71 22.74 17.88 14.51
CA ASP D 71 22.24 18.66 15.64
C ASP D 71 21.67 17.75 16.72
N THR D 72 21.16 16.58 16.37
CA THR D 72 20.74 15.63 17.40
C THR D 72 21.92 14.93 18.07
N LEU D 73 23.10 14.93 17.44
CA LEU D 73 24.19 14.10 17.90
C LEU D 73 24.98 14.75 19.04
N ASP D 74 24.57 15.94 19.49
CA ASP D 74 25.25 16.61 20.59
C ASP D 74 25.31 15.74 21.83
N LYS D 75 24.17 15.18 22.22
CA LYS D 75 24.04 14.39 23.43
C LYS D 75 23.96 12.90 23.11
N LYS D 76 24.64 12.48 22.04
CA LYS D 76 24.83 11.09 21.71
C LYS D 76 26.31 10.80 21.71
N LYS D 77 26.67 9.51 21.80
CA LYS D 77 28.08 9.20 22.00
C LYS D 77 28.88 9.21 20.70
N VAL D 78 28.22 9.10 19.54
CA VAL D 78 28.92 8.91 18.28
C VAL D 78 29.74 10.15 17.93
N LYS D 79 30.97 9.94 17.46
CA LYS D 79 31.81 11.00 16.92
C LYS D 79 31.79 10.96 15.39
N THR D 80 31.58 12.11 14.76
CA THR D 80 31.35 12.13 13.32
C THR D 80 32.58 12.60 12.57
N ILE D 81 32.68 12.12 11.33
CA ILE D 81 33.75 12.50 10.43
C ILE D 81 33.13 12.88 9.09
N LYS D 82 33.45 14.08 8.62
CA LYS D 82 33.10 14.50 7.26
C LYS D 82 34.30 14.16 6.38
N ALA D 83 34.13 13.19 5.47
CA ALA D 83 35.26 12.64 4.74
C ALA D 83 36.00 13.71 3.94
N THR D 84 35.27 14.68 3.35
CA THR D 84 35.97 15.68 2.54
C THR D 84 36.71 16.74 3.36
N GLY D 85 36.48 16.82 4.68
CA GLY D 85 37.22 17.78 5.48
C GLY D 85 37.00 19.20 4.99
N ASP D 86 38.08 19.96 4.83
CA ASP D 86 37.99 21.32 4.34
C ASP D 86 38.30 21.45 2.84
N MET D 87 38.20 20.35 2.09
CA MET D 87 38.39 20.42 0.64
C MET D 87 37.42 21.41 0.00
N LEU D 88 37.93 22.27 -0.88
CA LEU D 88 37.08 23.20 -1.63
C LEU D 88 36.36 22.49 -2.78
N LEU D 89 35.10 22.87 -3.02
CA LEU D 89 34.24 22.13 -3.93
C LEU D 89 33.89 23.01 -5.12
N LEU D 90 33.66 22.36 -6.25
CA LEU D 90 33.11 23.03 -7.43
C LEU D 90 31.64 23.40 -7.22
N PRO D 91 31.13 24.37 -7.98
CA PRO D 91 29.69 24.66 -7.94
C PRO D 91 28.89 23.46 -8.44
N GLY D 92 27.69 23.31 -7.91
CA GLY D 92 26.85 22.18 -8.27
C GLY D 92 26.22 22.33 -9.65
N GLY D 93 25.75 21.20 -10.16
CA GLY D 93 25.10 21.14 -11.46
C GLY D 93 23.83 21.95 -11.56
N GLU D 110 24.16 22.84 -3.53
CA GLU D 110 24.84 24.06 -3.97
C GLU D 110 26.24 23.78 -4.52
N PHE D 111 26.88 22.72 -4.01
CA PHE D 111 28.23 22.34 -4.43
C PHE D 111 28.20 20.93 -5.00
N ASP D 112 29.18 20.65 -5.87
CA ASP D 112 29.33 19.32 -6.46
C ASP D 112 30.08 18.43 -5.47
N PRO D 113 29.47 17.34 -4.98
CA PRO D 113 30.15 16.49 -3.98
C PRO D 113 31.03 15.39 -4.56
N HIS D 114 31.05 15.18 -5.89
CA HIS D 114 31.64 13.98 -6.49
C HIS D 114 33.17 13.95 -6.51
N VAL D 115 33.82 14.26 -5.39
CA VAL D 115 35.28 14.40 -5.39
C VAL D 115 36.01 13.07 -5.50
N TRP D 116 35.39 11.96 -5.11
CA TRP D 116 36.10 10.68 -5.01
C TRP D 116 36.37 10.05 -6.37
N LEU D 117 35.83 10.61 -7.47
CA LEU D 117 36.08 10.08 -8.79
C LEU D 117 37.42 10.57 -9.36
N SER D 118 38.12 11.44 -8.64
CA SER D 118 39.48 11.83 -8.97
C SER D 118 40.42 11.12 -8.02
N PRO D 119 41.32 10.25 -8.48
CA PRO D 119 42.18 9.49 -7.54
C PRO D 119 43.00 10.38 -6.61
N VAL D 120 43.49 11.52 -7.08
CA VAL D 120 44.29 12.38 -6.22
C VAL D 120 43.44 12.95 -5.08
N ARG D 121 42.14 13.11 -5.31
CA ARG D 121 41.27 13.56 -4.21
C ARG D 121 40.89 12.42 -3.28
N ALA D 122 40.77 11.20 -3.79
CA ALA D 122 40.54 10.07 -2.91
C ALA D 122 41.63 9.93 -1.87
N ILE D 123 42.88 10.22 -2.25
CA ILE D 123 43.98 10.18 -1.29
C ILE D 123 43.73 11.17 -0.15
N LYS D 124 43.24 12.36 -0.49
CA LYS D 124 42.95 13.38 0.52
C LYS D 124 41.85 12.92 1.46
N LEU D 125 40.82 12.27 0.92
CA LEU D 125 39.76 11.74 1.78
C LEU D 125 40.29 10.64 2.71
N VAL D 126 41.10 9.72 2.17
CA VAL D 126 41.69 8.69 3.01
C VAL D 126 42.56 9.31 4.10
N GLU D 127 43.38 10.29 3.73
CA GLU D 127 44.23 10.95 4.72
C GLU D 127 43.40 11.67 5.78
N HIS D 128 42.30 12.29 5.39
CA HIS D 128 41.49 13.00 6.38
C HIS D 128 40.79 12.03 7.33
N ILE D 129 40.27 10.91 6.82
CA ILE D 129 39.64 9.90 7.69
C ILE D 129 40.68 9.31 8.64
N ARG D 130 41.88 9.04 8.13
CA ARG D 130 42.98 8.56 8.98
C ARG D 130 43.27 9.53 10.12
N ASP D 131 43.39 10.81 9.80
CA ASP D 131 43.75 11.78 10.84
C ASP D 131 42.61 12.00 11.82
N SER D 132 41.36 11.92 11.37
CA SER D 132 40.25 12.08 12.29
C SER D 132 40.12 10.89 13.23
N LEU D 133 40.24 9.66 12.70
CA LEU D 133 40.21 8.48 13.55
C LEU D 133 41.36 8.48 14.53
N SER D 134 42.54 8.94 14.10
CA SER D 134 43.69 9.02 14.98
C SER D 134 43.47 10.02 16.10
N ALA D 135 42.79 11.14 15.80
CA ALA D 135 42.47 12.12 16.83
C ALA D 135 41.36 11.64 17.75
N ASP D 136 40.48 10.75 17.27
CA ASP D 136 39.40 10.24 18.11
C ASP D 136 39.81 9.02 18.94
N TYR D 137 40.78 8.23 18.46
CA TYR D 137 41.21 7.00 19.14
C TYR D 137 42.72 6.89 19.09
N PRO D 138 43.43 7.71 19.88
CA PRO D 138 44.89 7.78 19.73
C PRO D 138 45.63 6.48 19.96
N ASP D 139 45.16 5.55 20.80
CA ASP D 139 45.98 4.35 20.98
C ASP D 139 45.87 3.39 19.81
N LYS D 140 45.01 3.65 18.84
CA LYS D 140 44.95 2.85 17.62
C LYS D 140 45.62 3.56 16.46
N LYS D 141 46.25 4.71 16.74
CA LYS D 141 46.78 5.56 15.69
C LYS D 141 47.78 4.83 14.81
N GLU D 142 48.61 3.96 15.39
CA GLU D 142 49.65 3.31 14.61
C GLU D 142 49.07 2.35 13.59
N THR D 143 47.95 1.70 13.90
CA THR D 143 47.31 0.84 12.92
C THR D 143 46.68 1.66 11.79
N PHE D 144 45.98 2.75 12.14
CA PHE D 144 45.39 3.61 11.11
C PHE D 144 46.44 4.07 10.12
N GLU D 145 47.61 4.46 10.62
CA GLU D 145 48.62 5.03 9.75
C GLU D 145 49.27 3.97 8.88
N LYS D 146 49.35 2.74 9.39
CA LYS D 146 49.91 1.66 8.59
C LYS D 146 48.93 1.17 7.54
N ASN D 147 47.66 1.03 7.89
CA ASN D 147 46.65 0.65 6.91
C ASN D 147 46.46 1.75 5.86
N ALA D 148 46.40 3.01 6.27
CA ALA D 148 46.17 4.08 5.32
C ALA D 148 47.34 4.23 4.35
N ALA D 149 48.58 4.18 4.87
CA ALA D 149 49.75 4.37 4.01
C ALA D 149 49.81 3.29 2.94
N ALA D 150 49.44 2.05 3.31
CA ALA D 150 49.43 0.95 2.34
C ALA D 150 48.37 1.17 1.28
N TYR D 151 47.18 1.65 1.68
CA TYR D 151 46.13 1.90 0.70
C TYR D 151 46.45 3.11 -0.17
N ILE D 152 47.00 4.16 0.45
CA ILE D 152 47.37 5.35 -0.32
C ILE D 152 48.38 5.02 -1.40
N GLU D 153 49.26 4.06 -1.15
CA GLU D 153 50.20 3.63 -2.17
C GLU D 153 49.47 3.11 -3.41
N LYS D 154 48.44 2.29 -3.21
CA LYS D 154 47.67 1.80 -4.34
C LYS D 154 46.95 2.93 -5.04
N LEU D 155 46.48 3.92 -4.28
CA LEU D 155 45.82 5.08 -4.86
C LEU D 155 46.78 5.94 -5.68
N GLN D 156 48.04 6.04 -5.25
CA GLN D 156 49.02 6.81 -6.01
C GLN D 156 49.32 6.16 -7.36
N SER D 157 49.37 4.82 -7.38
CA SER D 157 49.51 4.12 -8.66
C SER D 157 48.31 4.37 -9.56
N LEU D 158 47.12 4.43 -8.96
CA LEU D 158 45.94 4.76 -9.75
C LEU D 158 46.03 6.16 -10.33
N ASP D 159 46.51 7.12 -9.53
CA ASP D 159 46.71 8.48 -10.01
C ASP D 159 47.64 8.52 -11.24
N LYS D 160 48.74 7.79 -11.17
CA LYS D 160 49.69 7.72 -12.28
C LYS D 160 49.08 7.11 -13.51
N ALA D 161 48.30 6.03 -13.33
CA ALA D 161 47.63 5.44 -14.48
C ALA D 161 46.66 6.43 -15.11
N TYR D 162 45.94 7.18 -14.28
CA TYR D 162 45.05 8.21 -14.80
C TYR D 162 45.83 9.31 -15.52
N ALA D 163 46.91 9.78 -14.91
CA ALA D 163 47.67 10.88 -15.52
C ALA D 163 48.34 10.43 -16.81
N GLU D 164 48.97 9.26 -16.83
CA GLU D 164 49.60 8.78 -18.06
C GLU D 164 48.55 8.47 -19.12
N GLY D 165 47.43 7.88 -18.72
CA GLY D 165 46.43 7.49 -19.69
C GLY D 165 45.62 8.63 -20.24
N LEU D 166 45.59 9.77 -19.55
CA LEU D 166 44.73 10.87 -20.00
C LEU D 166 45.48 12.13 -20.42
N SER D 167 46.75 12.29 -20.10
CA SER D 167 47.39 13.58 -20.37
C SER D 167 47.53 13.85 -21.86
N GLN D 168 47.62 12.82 -22.70
CA GLN D 168 47.73 13.02 -24.13
C GLN D 168 46.41 12.80 -24.88
N ALA D 169 45.27 12.94 -24.22
CA ALA D 169 43.98 12.78 -24.88
C ALA D 169 43.88 13.71 -26.08
N LYS D 170 43.41 13.17 -27.21
CA LYS D 170 43.13 14.01 -28.36
C LYS D 170 41.71 14.55 -28.31
N GLN D 171 40.78 13.75 -27.82
CA GLN D 171 39.41 14.16 -27.62
C GLN D 171 39.25 14.42 -26.12
N LYS D 172 39.10 15.69 -25.76
CA LYS D 172 39.05 16.08 -24.35
C LYS D 172 37.67 15.98 -23.76
N SER D 173 36.61 15.99 -24.56
CA SER D 173 35.26 16.02 -24.01
C SER D 173 34.68 14.62 -24.00
N PHE D 174 33.97 14.31 -22.92
CA PHE D 174 33.28 13.05 -22.78
C PHE D 174 31.87 13.33 -22.27
N VAL D 175 30.92 12.52 -22.73
CA VAL D 175 29.49 12.70 -22.47
C VAL D 175 29.02 11.63 -21.50
N THR D 176 28.39 12.06 -20.40
CA THR D 176 27.97 11.13 -19.34
C THR D 176 26.52 11.40 -18.96
N GLN D 177 25.79 10.34 -18.66
CA GLN D 177 24.40 10.46 -18.20
C GLN D 177 24.31 10.80 -16.71
N HIS D 178 25.36 10.51 -15.93
CA HIS D 178 25.46 10.88 -14.52
C HIS D 178 26.66 11.82 -14.37
N ALA D 179 26.39 13.05 -13.92
CA ALA D 179 27.40 14.12 -13.90
C ALA D 179 28.32 14.05 -12.68
N ALA D 180 29.02 12.92 -12.54
CA ALA D 180 29.85 12.64 -11.37
C ALA D 180 31.33 12.85 -11.63
N PHE D 181 31.71 13.40 -12.77
CA PHE D 181 33.10 13.34 -13.21
C PHE D 181 33.69 14.74 -13.44
N ASN D 182 33.15 15.75 -12.76
CA ASN D 182 33.68 17.09 -12.92
C ASN D 182 35.04 17.25 -12.27
N TYR D 183 35.29 16.53 -11.17
CA TYR D 183 36.60 16.65 -10.54
C TYR D 183 37.62 15.84 -11.31
N LEU D 184 37.19 14.69 -11.84
CA LEU D 184 38.04 13.96 -12.76
C LEU D 184 38.43 14.86 -13.93
N ALA D 185 37.45 15.55 -14.51
CA ALA D 185 37.73 16.45 -15.63
C ALA D 185 38.67 17.57 -15.21
N LEU D 186 38.42 18.19 -14.06
CA LEU D 186 39.27 19.27 -13.57
C LEU D 186 40.70 18.81 -13.35
N ASP D 187 40.87 17.71 -12.61
CA ASP D 187 42.21 17.33 -12.16
C ASP D 187 43.05 16.72 -13.27
N TYR D 188 42.43 16.13 -14.29
CA TYR D 188 43.18 15.47 -15.36
C TYR D 188 43.00 16.14 -16.72
N GLY D 189 42.44 17.35 -16.76
CA GLY D 189 42.49 18.14 -17.97
C GLY D 189 41.50 17.77 -19.04
N LEU D 190 40.31 17.29 -18.68
CA LEU D 190 39.26 16.90 -19.61
C LEU D 190 38.07 17.83 -19.43
N LYS D 191 37.01 17.56 -20.20
CA LYS D 191 35.75 18.31 -20.13
C LYS D 191 34.58 17.34 -20.07
N GLN D 192 33.86 17.32 -18.96
CA GLN D 192 32.67 16.50 -18.84
C GLN D 192 31.50 17.21 -19.49
N VAL D 193 30.79 16.52 -20.36
CA VAL D 193 29.54 17.01 -20.92
C VAL D 193 28.44 16.14 -20.34
N ALA D 194 27.59 16.75 -19.53
CA ALA D 194 26.50 16.03 -18.88
C ALA D 194 25.23 16.14 -19.74
N ILE D 195 24.50 15.05 -19.82
CA ILE D 195 23.27 15.00 -20.59
C ILE D 195 22.16 14.54 -19.67
N SER D 196 21.05 15.28 -19.66
CA SER D 196 19.92 14.95 -18.82
C SER D 196 18.82 14.30 -19.65
N GLY D 197 17.85 13.71 -18.95
CA GLY D 197 16.76 13.04 -19.61
C GLY D 197 17.07 11.69 -20.19
N LEU D 198 18.23 11.11 -19.87
CA LEU D 198 18.53 9.74 -20.22
C LEU D 198 18.81 8.94 -18.96
N SER D 199 18.32 7.72 -18.95
CA SER D 199 18.53 6.72 -17.93
C SER D 199 19.03 5.46 -18.62
N PRO D 200 19.85 4.64 -17.94
CA PRO D 200 20.28 3.38 -18.58
C PRO D 200 19.12 2.48 -18.99
N ASP D 201 17.94 2.63 -18.39
CA ASP D 201 16.84 1.73 -18.68
C ASP D 201 15.65 2.37 -19.36
N ALA D 202 15.61 3.69 -19.49
CA ALA D 202 14.47 4.37 -20.09
C ALA D 202 14.66 4.48 -21.60
N GLU D 203 13.54 4.50 -22.31
CA GLU D 203 13.53 4.75 -23.74
C GLU D 203 13.19 6.22 -23.97
N PRO D 204 14.05 7.00 -24.63
CA PRO D 204 13.76 8.42 -24.82
C PRO D 204 12.70 8.67 -25.87
N SER D 205 12.01 9.79 -25.74
CA SER D 205 11.01 10.18 -26.72
C SER D 205 11.65 10.46 -28.08
N ALA D 206 10.80 10.43 -29.11
CA ALA D 206 11.26 10.75 -30.46
C ALA D 206 11.92 12.13 -30.50
N ALA D 207 11.32 13.11 -29.83
CA ALA D 207 11.89 14.46 -29.83
C ALA D 207 13.23 14.50 -29.10
N ARG D 208 13.32 13.81 -27.98
CA ARG D 208 14.59 13.75 -27.24
C ARG D 208 15.66 13.01 -28.06
N LEU D 209 15.29 11.90 -28.69
CA LEU D 209 16.23 11.18 -29.54
C LEU D 209 16.71 12.04 -30.70
N ALA D 210 15.83 12.85 -31.29
CA ALA D 210 16.24 13.69 -32.41
C ALA D 210 17.24 14.75 -31.97
N GLU D 211 17.03 15.34 -30.79
CA GLU D 211 17.99 16.26 -30.20
C GLU D 211 19.35 15.58 -30.02
N LEU D 212 19.33 14.39 -29.44
CA LEU D 212 20.56 13.66 -29.18
C LEU D 212 21.26 13.27 -30.47
N THR D 213 20.50 12.84 -31.48
CA THR D 213 21.09 12.43 -32.75
C THR D 213 21.82 13.60 -33.40
N GLU D 214 21.18 14.77 -33.42
CA GLU D 214 21.79 15.97 -33.98
C GLU D 214 23.07 16.33 -33.24
N TYR D 215 23.05 16.30 -31.90
CA TYR D 215 24.24 16.60 -31.13
C TYR D 215 25.37 15.63 -31.42
N VAL D 216 25.08 14.33 -31.40
CA VAL D 216 26.13 13.33 -31.64
C VAL D 216 26.79 13.55 -32.99
N LYS D 217 25.99 13.78 -34.03
CA LYS D 217 26.55 13.97 -35.37
C LYS D 217 27.37 15.25 -35.45
N LYS D 218 26.84 16.36 -34.91
CA LYS D 218 27.50 17.65 -35.05
C LYS D 218 28.77 17.76 -34.23
N ASN D 219 28.90 16.99 -33.16
CA ASN D 219 30.08 17.05 -32.31
C ASN D 219 30.92 15.79 -32.42
N LYS D 220 30.58 14.87 -33.32
CA LYS D 220 31.36 13.66 -33.56
C LYS D 220 31.52 12.84 -32.28
N ILE D 221 30.44 12.72 -31.53
CA ILE D 221 30.46 11.96 -30.29
C ILE D 221 30.48 10.48 -30.62
N ALA D 222 31.46 9.76 -30.06
CA ALA D 222 31.57 8.31 -30.26
C ALA D 222 30.84 7.50 -29.20
N TYR D 223 30.79 7.99 -27.95
CA TYR D 223 30.24 7.24 -26.85
C TYR D 223 29.40 8.13 -25.96
N ILE D 224 28.32 7.58 -25.43
CA ILE D 224 27.63 8.14 -24.30
C ILE D 224 27.84 7.19 -23.13
N TYR D 225 28.35 7.71 -22.02
CA TYR D 225 28.62 6.89 -20.84
C TYR D 225 27.47 6.95 -19.85
N PHE D 226 27.10 5.80 -19.33
CA PHE D 226 26.01 5.63 -18.38
C PHE D 226 26.56 5.13 -17.05
N GLU D 227 25.81 5.39 -15.98
CA GLU D 227 26.27 4.97 -14.67
C GLU D 227 26.24 3.46 -14.49
N GLU D 228 25.45 2.75 -15.28
CA GLU D 228 25.47 1.30 -15.38
C GLU D 228 25.13 0.93 -16.81
N ASN D 229 25.32 -0.34 -17.15
CA ASN D 229 25.10 -0.80 -18.52
C ASN D 229 23.73 -0.36 -19.04
N ALA D 230 23.73 0.31 -20.18
CA ALA D 230 22.46 0.58 -20.83
C ALA D 230 21.77 -0.72 -21.18
N SER D 231 20.45 -0.71 -21.14
CA SER D 231 19.69 -1.87 -21.56
C SER D 231 19.94 -2.12 -23.04
N GLN D 232 19.80 -3.39 -23.46
CA GLN D 232 20.08 -3.70 -24.85
C GLN D 232 19.12 -2.97 -25.78
N ALA D 233 17.88 -2.73 -25.32
CA ALA D 233 16.96 -1.94 -26.11
C ALA D 233 17.48 -0.52 -26.31
N LEU D 234 17.92 0.13 -25.24
CA LEU D 234 18.42 1.50 -25.37
C LEU D 234 19.69 1.56 -26.20
N ALA D 235 20.62 0.63 -25.98
CA ALA D 235 21.87 0.61 -26.72
C ALA D 235 21.60 0.44 -28.20
N ASN D 236 20.64 -0.44 -28.55
CA ASN D 236 20.24 -0.63 -29.94
C ASN D 236 19.67 0.66 -30.52
N THR D 237 18.77 1.31 -29.77
CA THR D 237 18.18 2.56 -30.24
C THR D 237 19.28 3.61 -30.47
N LEU D 238 20.22 3.74 -29.53
CA LEU D 238 21.27 4.75 -29.71
C LEU D 238 22.18 4.42 -30.89
N SER D 239 22.49 3.14 -31.12
CA SER D 239 23.30 2.78 -32.27
C SER D 239 22.55 2.99 -33.58
N LYS D 240 21.33 2.45 -33.68
CA LYS D 240 20.63 2.50 -34.95
C LYS D 240 20.07 3.89 -35.25
N GLU D 241 19.63 4.62 -34.23
CA GLU D 241 19.04 5.93 -34.52
C GLU D 241 20.05 7.06 -34.41
N ALA D 242 20.87 7.04 -33.38
CA ALA D 242 21.79 8.13 -33.10
C ALA D 242 23.20 7.86 -33.57
N GLY D 243 23.50 6.62 -33.97
CA GLY D 243 24.84 6.30 -34.43
C GLY D 243 25.91 6.49 -33.38
N VAL D 244 25.64 6.12 -32.13
CA VAL D 244 26.58 6.30 -31.04
C VAL D 244 26.61 5.00 -30.24
N LYS D 245 27.77 4.64 -29.73
CA LYS D 245 27.92 3.49 -28.86
C LYS D 245 27.71 3.91 -27.41
N THR D 246 27.56 2.92 -26.52
CA THR D 246 27.40 3.16 -25.10
C THR D 246 28.50 2.44 -24.32
N ASP D 247 28.81 2.99 -23.14
CA ASP D 247 29.70 2.30 -22.21
C ASP D 247 29.37 2.80 -20.82
N VAL D 248 30.16 2.37 -19.83
CA VAL D 248 29.88 2.64 -18.43
C VAL D 248 30.99 3.50 -17.84
N LEU D 249 30.58 4.61 -17.22
CA LEU D 249 31.42 5.38 -16.31
C LEU D 249 30.73 5.28 -14.95
N ASN D 250 31.25 4.43 -14.10
CA ASN D 250 30.56 4.11 -12.86
C ASN D 250 30.87 5.19 -11.83
N PRO D 251 29.89 5.91 -11.29
CA PRO D 251 30.15 6.96 -10.30
C PRO D 251 30.51 6.42 -8.91
N LEU D 252 30.53 5.10 -8.74
CA LEU D 252 30.94 4.48 -7.49
C LEU D 252 30.09 4.95 -6.32
N GLU D 253 28.80 5.09 -6.56
CA GLU D 253 27.88 5.44 -5.49
C GLU D 253 27.24 4.21 -4.87
N SER D 254 27.05 3.14 -5.63
CA SER D 254 26.70 1.89 -5.00
C SER D 254 27.13 0.73 -5.89
N LEU D 255 27.90 -0.20 -5.34
CA LEU D 255 28.23 -1.42 -6.06
C LEU D 255 27.04 -2.37 -6.05
N THR D 256 26.77 -2.99 -7.19
CA THR D 256 25.76 -4.03 -7.21
C THR D 256 26.22 -5.23 -6.38
N GLU D 257 25.27 -6.14 -6.12
CA GLU D 257 25.63 -7.37 -5.43
C GLU D 257 26.53 -8.23 -6.31
N GLU D 258 26.26 -8.25 -7.62
CA GLU D 258 27.14 -8.97 -8.55
C GLU D 258 28.56 -8.43 -8.47
N ASP D 259 28.73 -7.10 -8.46
CA ASP D 259 30.08 -6.54 -8.40
C ASP D 259 30.74 -6.82 -7.05
N THR D 260 29.97 -6.78 -5.96
CA THR D 260 30.53 -7.11 -4.65
C THR D 260 30.98 -8.57 -4.59
N LYS D 261 30.08 -9.49 -4.99
CA LYS D 261 30.44 -10.91 -4.96
C LYS D 261 31.59 -11.23 -5.91
N ALA D 262 31.81 -10.40 -6.94
CA ALA D 262 32.89 -10.62 -7.89
C ALA D 262 34.20 -9.98 -7.44
N GLY D 263 34.20 -9.29 -6.31
CA GLY D 263 35.37 -8.65 -5.77
C GLY D 263 35.75 -7.31 -6.36
N GLU D 264 34.83 -6.63 -7.03
CA GLU D 264 35.12 -5.27 -7.46
C GLU D 264 35.24 -4.35 -6.25
N ASN D 265 36.12 -3.36 -6.36
CA ASN D 265 36.28 -2.37 -5.31
C ASN D 265 36.55 -1.01 -5.96
N TYR D 266 36.79 -0.01 -5.12
CA TYR D 266 37.00 1.34 -5.63
C TYR D 266 38.08 1.35 -6.71
N ILE D 267 39.21 0.67 -6.47
CA ILE D 267 40.31 0.74 -7.42
C ILE D 267 40.00 -0.01 -8.70
N SER D 268 39.43 -1.21 -8.60
CA SER D 268 39.16 -1.97 -9.82
C SER D 268 38.13 -1.26 -10.68
N VAL D 269 37.10 -0.68 -10.07
CA VAL D 269 36.12 0.06 -10.86
C VAL D 269 36.75 1.33 -11.43
N MET D 270 37.60 2.01 -10.67
CA MET D 270 38.29 3.18 -11.23
C MET D 270 39.16 2.78 -12.41
N GLU D 271 39.75 1.59 -12.38
CA GLU D 271 40.52 1.14 -13.54
C GLU D 271 39.62 0.84 -14.73
N LYS D 272 38.44 0.28 -14.47
CA LYS D 272 37.47 0.06 -15.54
C LYS D 272 36.99 1.38 -16.14
N ASN D 273 36.79 2.40 -15.28
CA ASN D 273 36.40 3.71 -15.74
C ASN D 273 37.45 4.31 -16.68
N LEU D 274 38.74 4.20 -16.31
CA LEU D 274 39.80 4.75 -17.15
C LEU D 274 39.81 4.09 -18.52
N LYS D 275 39.68 2.76 -18.55
CA LYS D 275 39.66 2.05 -19.82
C LYS D 275 38.46 2.45 -20.67
N ALA D 276 37.29 2.59 -20.04
CA ALA D 276 36.12 3.03 -20.79
C ALA D 276 36.30 4.46 -21.31
N LEU D 277 36.86 5.35 -20.48
CA LEU D 277 37.02 6.74 -20.87
C LEU D 277 38.00 6.89 -22.05
N LYS D 278 39.09 6.12 -22.03
CA LYS D 278 40.11 6.19 -23.07
C LYS D 278 39.60 5.76 -24.44
N GLN D 279 38.54 4.95 -24.49
CA GLN D 279 37.90 4.70 -25.78
C GLN D 279 37.47 6.00 -26.42
N THR D 280 37.09 7.00 -25.62
CA THR D 280 36.79 8.32 -26.15
C THR D 280 38.04 9.18 -26.25
N THR D 281 38.78 9.30 -25.15
CA THR D 281 39.81 10.34 -25.12
C THR D 281 40.97 10.04 -26.05
N ASP D 282 41.21 8.79 -26.41
CA ASP D 282 42.26 8.48 -27.35
C ASP D 282 41.82 8.62 -28.83
N GLN D 283 40.72 9.33 -29.10
CA GLN D 283 40.08 9.41 -30.43
C GLN D 283 39.43 8.09 -30.86
ZN ZN E . 1.87 16.29 15.67
ZN ZN F . 11.39 -17.80 2.71
ZN ZN G . -39.36 -9.80 -10.38
ZN ZN H . 26.11 11.26 -8.19
#